data_3K1D
#
_entry.id   3K1D
#
_cell.length_a   109.373
_cell.length_b   156.861
_cell.length_c   48.021
_cell.angle_alpha   90.00
_cell.angle_beta   90.00
_cell.angle_gamma   90.00
#
_symmetry.space_group_name_H-M   'P 21 21 2'
#
loop_
_entity.id
_entity.type
_entity.pdbx_description
1 polymer '1,4-alpha-glucan-branching enzyme'
2 water water
#
_entity_poly.entity_id   1
_entity_poly.type   'polypeptide(L)'
_entity_poly.pdbx_seq_one_letter_code
;EHLAPEPAEMARLVAGTHHNPHGILGAHEYDDHTVIRAFRPHAVEVVALVGKDRFSLQHLDSGLFAVALPFVDLIDYRLQ
VTYEGCEPHTVADAYRFLPTLGEVDLHLFAEGRHERLWEVLGAHPRSFTTADGVVSGVSFAVWAPNAKGVSLIGEFNGWN
GHEAPMRVLGPSGVWELFWPDFPCDGLYKFRVHGADGVVTDRADPFAFGTEVPPQTASRVTSSDYTWGDDDWMAGRALRN
PVNEAMSTYEVHLGSWRPGLSYRQLARELTDYIVDQGFTHVELLPVAEHPFAGSWGYQVTSYYAPTSRFGTPDDFRALVD
ALHQAGIGVIVDWVPAHFPKDAWALGRFDGTPLYEHSDPKRGEQLDWGTYVFDFGRPEVRNFLVANALYWLQEFHIDGLR
VDAVASMLYLDYSRPEGGWTPNVHGGRENLEAVQFLQEMNATAHKVAPGIVTIAEESTPWSGVTRPTNIGGLGFSMKWNM
GWMHDTLDYVSRDPVYRSYHHHEMTFSMLYAFSENYVLPLSHDEVVHGKGTLWGRMPGNNHVKAAGLRSLLAYQWAHPGK
QLLFMGQEFGQRAEWSEQRGLDWFQLDENGFSNGIQRLVRDINDIYRCHPALWSLDTTPEGYSWIDANDSANNVLSFMRY
GSDGSVLACVFNFAGAEHRDYRLGLPRAGRWREVLNTDATIYHGSGIGNLGGVDATDDPWHGRPASAVLVLPPTSALWLT
PA
;
_entity_poly.pdbx_strand_id   A
#
# COMPACT_ATOMS: atom_id res chain seq x y z
N GLU A 1 6.19 -52.77 -21.62
CA GLU A 1 6.94 -52.05 -20.54
C GLU A 1 6.44 -50.62 -20.43
N HIS A 2 5.88 -50.10 -21.52
CA HIS A 2 5.38 -48.74 -21.55
C HIS A 2 3.95 -48.56 -21.06
N LEU A 3 3.59 -49.30 -20.02
CA LEU A 3 2.25 -49.20 -19.44
C LEU A 3 2.40 -48.52 -18.09
N ALA A 4 3.36 -48.99 -17.31
CA ALA A 4 3.64 -48.44 -15.99
C ALA A 4 5.05 -47.84 -16.05
N PRO A 5 5.19 -46.55 -15.70
CA PRO A 5 6.49 -45.87 -15.71
C PRO A 5 7.54 -46.61 -14.89
N GLU A 6 8.79 -46.21 -15.03
CA GLU A 6 9.88 -46.84 -14.30
C GLU A 6 9.79 -46.50 -12.82
N PRO A 7 10.30 -47.40 -11.96
CA PRO A 7 10.30 -47.23 -10.50
C PRO A 7 10.69 -45.84 -10.01
N ALA A 8 11.78 -45.30 -10.56
CA ALA A 8 12.26 -43.98 -10.17
C ALA A 8 11.22 -42.89 -10.44
N GLU A 9 10.65 -42.91 -11.65
CA GLU A 9 9.63 -41.93 -12.03
C GLU A 9 8.39 -42.14 -11.18
N MET A 10 7.97 -43.40 -11.07
CA MET A 10 6.80 -43.76 -10.29
C MET A 10 6.94 -43.31 -8.84
N ALA A 11 8.15 -43.46 -8.29
CA ALA A 11 8.39 -43.05 -6.91
C ALA A 11 8.27 -41.54 -6.76
N ARG A 12 8.74 -40.80 -7.75
CA ARG A 12 8.67 -39.34 -7.72
C ARG A 12 7.21 -38.88 -7.84
N LEU A 13 6.48 -39.50 -8.75
CA LEU A 13 5.09 -39.15 -8.96
C LEU A 13 4.28 -39.36 -7.69
N VAL A 14 4.55 -40.44 -6.94
CA VAL A 14 3.80 -40.70 -5.72
C VAL A 14 4.28 -39.86 -4.53
N ALA A 15 5.53 -39.42 -4.57
CA ALA A 15 6.07 -38.60 -3.49
C ALA A 15 5.86 -37.11 -3.77
N GLY A 16 5.34 -36.82 -4.96
CA GLY A 16 5.11 -35.44 -5.35
C GLY A 16 6.36 -34.66 -5.69
N THR A 17 7.38 -35.35 -6.18
CA THR A 17 8.64 -34.70 -6.56
C THR A 17 8.97 -34.86 -8.03
N HIS A 18 7.94 -35.03 -8.86
CA HIS A 18 8.14 -35.15 -10.29
C HIS A 18 8.01 -33.75 -10.86
N HIS A 19 8.95 -33.37 -11.72
CA HIS A 19 8.97 -32.04 -12.33
C HIS A 19 8.07 -31.90 -13.55
N ASN A 20 7.67 -33.02 -14.15
CA ASN A 20 6.83 -32.95 -15.34
C ASN A 20 5.75 -34.04 -15.36
N PRO A 21 4.68 -33.84 -14.56
CA PRO A 21 3.56 -34.79 -14.48
C PRO A 21 2.99 -35.12 -15.86
N HIS A 22 2.81 -34.09 -16.69
CA HIS A 22 2.25 -34.25 -18.03
C HIS A 22 3.05 -35.18 -18.94
N GLY A 23 4.30 -35.46 -18.55
CA GLY A 23 5.10 -36.37 -19.35
C GLY A 23 4.66 -37.80 -19.17
N ILE A 24 4.18 -38.12 -17.98
CA ILE A 24 3.71 -39.47 -17.66
C ILE A 24 2.19 -39.57 -17.76
N LEU A 25 1.50 -38.64 -17.10
CA LEU A 25 0.05 -38.60 -17.09
C LEU A 25 -0.55 -38.10 -18.40
N GLY A 26 -1.78 -38.48 -18.67
CA GLY A 26 -2.43 -38.05 -19.90
C GLY A 26 -2.34 -39.10 -20.98
N ALA A 27 -2.29 -38.67 -22.24
CA ALA A 27 -2.21 -39.58 -23.36
C ALA A 27 -0.86 -39.50 -24.06
N HIS A 28 -0.22 -40.65 -24.25
CA HIS A 28 1.07 -40.73 -24.92
C HIS A 28 1.09 -41.88 -25.91
N GLU A 29 1.69 -41.64 -27.07
CA GLU A 29 1.78 -42.67 -28.11
C GLU A 29 3.15 -43.35 -28.14
N TYR A 30 3.15 -44.66 -27.94
CA TYR A 30 4.38 -45.43 -27.96
C TYR A 30 4.33 -46.37 -29.17
N ASP A 31 5.11 -46.05 -30.20
CA ASP A 31 5.18 -46.84 -31.43
C ASP A 31 3.88 -46.71 -32.24
N ASP A 32 2.75 -46.98 -31.59
CA ASP A 32 1.44 -46.91 -32.23
C ASP A 32 0.33 -46.71 -31.20
N HIS A 33 -0.01 -47.77 -30.48
CA HIS A 33 -1.05 -47.74 -29.46
C HIS A 33 -0.89 -46.54 -28.52
N THR A 34 -1.96 -45.79 -28.33
CA THR A 34 -1.94 -44.64 -27.44
C THR A 34 -2.23 -45.08 -26.01
N VAL A 35 -1.29 -44.83 -25.11
CA VAL A 35 -1.46 -45.20 -23.71
C VAL A 35 -1.98 -43.99 -22.93
N ILE A 36 -2.94 -44.24 -22.04
CA ILE A 36 -3.51 -43.18 -21.24
C ILE A 36 -3.36 -43.51 -19.76
N ARG A 37 -2.79 -42.57 -19.01
CA ARG A 37 -2.58 -42.78 -17.59
C ARG A 37 -3.27 -41.72 -16.76
N ALA A 38 -3.67 -42.08 -15.55
CA ALA A 38 -4.34 -41.17 -14.64
C ALA A 38 -3.88 -41.49 -13.23
N PHE A 39 -3.47 -40.46 -12.50
CA PHE A 39 -3.01 -40.64 -11.13
C PHE A 39 -4.05 -40.11 -10.16
N ARG A 40 -4.66 -41.01 -9.41
CA ARG A 40 -5.68 -40.60 -8.44
C ARG A 40 -5.75 -41.62 -7.30
N PRO A 41 -4.89 -41.46 -6.29
CA PRO A 41 -4.82 -42.33 -5.11
C PRO A 41 -6.18 -42.52 -4.44
N HIS A 42 -6.35 -43.68 -3.81
CA HIS A 42 -7.58 -43.99 -3.11
C HIS A 42 -8.77 -44.07 -4.07
N ALA A 43 -8.49 -44.32 -5.34
CA ALA A 43 -9.54 -44.42 -6.35
C ALA A 43 -10.03 -45.87 -6.41
N VAL A 44 -11.24 -46.05 -6.94
CA VAL A 44 -11.83 -47.38 -7.05
C VAL A 44 -11.99 -47.79 -8.52
N GLU A 45 -12.28 -46.81 -9.37
CA GLU A 45 -12.46 -47.07 -10.80
C GLU A 45 -12.22 -45.79 -11.59
N VAL A 46 -11.56 -45.90 -12.73
CA VAL A 46 -11.26 -44.74 -13.56
C VAL A 46 -12.05 -44.76 -14.88
N VAL A 47 -11.64 -45.63 -15.79
CA VAL A 47 -12.29 -45.78 -17.09
C VAL A 47 -12.30 -44.51 -17.95
N ALA A 48 -11.90 -44.66 -19.21
CA ALA A 48 -11.87 -43.55 -20.16
C ALA A 48 -13.05 -43.63 -21.12
N LEU A 49 -13.50 -42.48 -21.61
CA LEU A 49 -14.62 -42.42 -22.54
C LEU A 49 -14.18 -41.83 -23.88
N VAL A 50 -14.19 -42.66 -24.91
CA VAL A 50 -13.77 -42.22 -26.24
C VAL A 50 -14.90 -42.30 -27.26
N GLY A 51 -15.43 -41.13 -27.63
CA GLY A 51 -16.52 -41.06 -28.59
C GLY A 51 -17.83 -41.56 -28.03
N LYS A 52 -18.08 -42.85 -28.21
CA LYS A 52 -19.30 -43.48 -27.71
C LYS A 52 -18.94 -44.84 -27.14
N ASP A 53 -17.64 -45.03 -26.91
CA ASP A 53 -17.13 -46.28 -26.36
C ASP A 53 -16.56 -46.06 -24.97
N ARG A 54 -17.10 -46.77 -23.99
CA ARG A 54 -16.61 -46.68 -22.61
C ARG A 54 -15.34 -47.51 -22.62
N PHE A 55 -15.02 -47.97 -23.83
CA PHE A 55 -13.84 -48.77 -24.14
C PHE A 55 -12.60 -48.32 -23.36
N SER A 56 -12.48 -48.80 -22.12
CA SER A 56 -11.35 -48.43 -21.28
C SER A 56 -11.16 -49.23 -19.99
N LEU A 57 -11.31 -48.56 -18.86
CA LEU A 57 -11.13 -49.15 -17.54
C LEU A 57 -9.62 -49.30 -17.32
N GLN A 58 -9.17 -49.03 -16.09
CA GLN A 58 -7.75 -49.09 -15.75
C GLN A 58 -7.65 -49.61 -14.32
N HIS A 59 -6.46 -50.01 -13.85
CA HIS A 59 -6.37 -50.51 -12.47
C HIS A 59 -5.04 -50.90 -11.82
N LEU A 60 -3.89 -50.60 -12.40
CA LEU A 60 -2.63 -51.02 -11.75
C LEU A 60 -2.03 -50.09 -10.69
N ASP A 61 -0.77 -50.39 -10.35
CA ASP A 61 0.02 -49.63 -9.38
C ASP A 61 -0.54 -49.23 -8.02
N SER A 62 0.15 -48.28 -7.39
CA SER A 62 -0.20 -47.77 -6.07
C SER A 62 -0.85 -46.40 -6.15
N GLY A 63 -1.85 -46.28 -7.02
CA GLY A 63 -2.55 -45.02 -7.17
C GLY A 63 -2.66 -44.64 -8.64
N LEU A 64 -1.80 -45.23 -9.46
CA LEU A 64 -1.80 -44.94 -10.89
C LEU A 64 -2.68 -45.93 -11.66
N PHE A 65 -3.19 -45.49 -12.82
CA PHE A 65 -4.04 -46.33 -13.65
C PHE A 65 -3.66 -46.14 -15.11
N ALA A 66 -3.81 -47.19 -15.92
CA ALA A 66 -3.47 -47.10 -17.35
C ALA A 66 -4.53 -47.78 -18.22
N VAL A 67 -4.76 -47.22 -19.41
CA VAL A 67 -5.76 -47.74 -20.34
C VAL A 67 -5.17 -48.62 -21.43
N ALA A 68 -4.04 -48.19 -21.99
CA ALA A 68 -3.38 -48.93 -23.06
C ALA A 68 -4.29 -48.95 -24.30
N LEU A 69 -4.59 -50.16 -24.78
CA LEU A 69 -5.46 -50.34 -25.95
C LEU A 69 -4.96 -49.65 -27.22
N PRO A 70 -5.04 -50.35 -28.37
CA PRO A 70 -4.63 -49.92 -29.71
C PRO A 70 -5.13 -48.56 -30.22
N PHE A 71 -5.18 -48.45 -31.55
CA PHE A 71 -5.60 -47.25 -32.26
C PHE A 71 -4.82 -45.98 -31.87
N VAL A 72 -4.65 -45.07 -32.82
CA VAL A 72 -3.91 -43.84 -32.60
C VAL A 72 -4.75 -42.58 -32.72
N ASP A 73 -4.09 -41.43 -32.56
CA ASP A 73 -4.71 -40.11 -32.65
C ASP A 73 -5.61 -39.81 -31.46
N LEU A 74 -6.69 -40.58 -31.31
CA LEU A 74 -7.64 -40.40 -30.23
C LEU A 74 -8.38 -39.06 -30.30
N ILE A 75 -7.66 -37.98 -30.03
CA ILE A 75 -8.23 -36.64 -30.08
C ILE A 75 -9.38 -36.44 -29.08
N ASP A 76 -9.04 -35.97 -27.89
CA ASP A 76 -10.02 -35.69 -26.84
C ASP A 76 -10.75 -36.92 -26.29
N TYR A 77 -11.05 -36.89 -25.00
CA TYR A 77 -11.75 -37.96 -24.32
C TYR A 77 -12.15 -37.44 -22.94
N ARG A 78 -12.42 -38.33 -21.99
CA ARG A 78 -12.81 -37.90 -20.66
C ARG A 78 -12.70 -39.05 -19.67
N LEU A 79 -12.32 -38.74 -18.43
CA LEU A 79 -12.16 -39.76 -17.40
C LEU A 79 -13.38 -39.77 -16.47
N GLN A 80 -13.57 -40.88 -15.76
CA GLN A 80 -14.69 -41.00 -14.84
C GLN A 80 -14.28 -41.67 -13.54
N VAL A 81 -13.61 -40.91 -12.67
CA VAL A 81 -13.14 -41.44 -11.40
C VAL A 81 -14.31 -41.80 -10.47
N THR A 82 -14.06 -42.73 -9.55
CA THR A 82 -15.07 -43.17 -8.60
C THR A 82 -14.44 -43.50 -7.24
N TYR A 83 -15.19 -43.26 -6.17
CA TYR A 83 -14.71 -43.54 -4.82
C TYR A 83 -15.85 -44.16 -3.99
N GLU A 84 -15.53 -44.59 -2.78
CA GLU A 84 -16.54 -45.20 -1.90
C GLU A 84 -17.47 -44.18 -1.27
N GLY A 85 -18.77 -44.44 -1.35
CA GLY A 85 -19.75 -43.55 -0.78
C GLY A 85 -20.18 -42.46 -1.73
N CYS A 86 -19.43 -42.27 -2.80
CA CYS A 86 -19.77 -41.24 -3.77
C CYS A 86 -19.99 -41.81 -5.17
N GLU A 87 -20.68 -41.06 -6.01
CA GLU A 87 -20.97 -41.47 -7.38
C GLU A 87 -19.90 -41.02 -8.37
N PRO A 88 -19.72 -41.79 -9.45
CA PRO A 88 -18.72 -41.45 -10.46
C PRO A 88 -18.88 -40.01 -10.93
N HIS A 89 -17.88 -39.50 -11.64
CA HIS A 89 -17.92 -38.13 -12.15
C HIS A 89 -17.02 -38.04 -13.37
N THR A 90 -17.58 -37.59 -14.49
CA THR A 90 -16.82 -37.46 -15.72
C THR A 90 -16.16 -36.08 -15.80
N VAL A 91 -14.83 -36.08 -15.86
CA VAL A 91 -14.07 -34.85 -15.93
C VAL A 91 -13.03 -34.93 -17.04
N ALA A 92 -12.66 -33.79 -17.60
CA ALA A 92 -11.65 -33.77 -18.65
C ALA A 92 -10.30 -33.98 -17.98
N ASP A 93 -9.34 -34.51 -18.73
CA ASP A 93 -8.01 -34.79 -18.19
C ASP A 93 -7.10 -33.57 -18.27
N ALA A 94 -6.71 -33.07 -17.10
CA ALA A 94 -5.86 -31.90 -17.00
C ALA A 94 -4.50 -32.07 -17.68
N TYR A 95 -3.88 -33.22 -17.47
CA TYR A 95 -2.56 -33.50 -18.03
C TYR A 95 -2.51 -33.69 -19.52
N ARG A 96 -3.65 -33.50 -20.18
CA ARG A 96 -3.72 -33.62 -21.62
C ARG A 96 -3.63 -32.23 -22.24
N PHE A 97 -3.91 -31.21 -21.43
CA PHE A 97 -3.86 -29.83 -21.91
C PHE A 97 -2.46 -29.28 -22.03
N LEU A 98 -2.27 -28.42 -23.03
CA LEU A 98 -0.99 -27.78 -23.27
C LEU A 98 -0.79 -26.67 -22.23
N PRO A 99 0.46 -26.20 -22.07
CA PRO A 99 0.73 -25.13 -21.10
C PRO A 99 -0.15 -23.91 -21.33
N THR A 100 -0.71 -23.38 -20.24
CA THR A 100 -1.57 -22.21 -20.32
C THR A 100 -0.82 -20.88 -20.25
N LEU A 101 0.50 -20.91 -20.40
CA LEU A 101 1.32 -19.70 -20.36
C LEU A 101 2.27 -19.69 -21.55
N GLY A 102 2.29 -18.58 -22.28
CA GLY A 102 3.14 -18.46 -23.45
C GLY A 102 4.60 -18.22 -23.18
N GLU A 103 5.42 -18.44 -24.21
CA GLU A 103 6.86 -18.26 -24.12
C GLU A 103 7.20 -16.78 -23.95
N VAL A 104 6.43 -15.91 -24.62
CA VAL A 104 6.65 -14.48 -24.55
C VAL A 104 6.51 -13.93 -23.13
N ASP A 105 5.42 -14.27 -22.48
CA ASP A 105 5.18 -13.81 -21.11
C ASP A 105 6.31 -14.27 -20.19
N LEU A 106 6.74 -15.52 -20.35
CA LEU A 106 7.82 -16.06 -19.52
C LEU A 106 9.12 -15.32 -19.74
N HIS A 107 9.35 -14.90 -20.98
CA HIS A 107 10.57 -14.16 -21.30
C HIS A 107 10.56 -12.78 -20.65
N LEU A 108 9.42 -12.11 -20.71
CA LEU A 108 9.31 -10.78 -20.10
C LEU A 108 9.52 -10.89 -18.60
N PHE A 109 8.96 -11.95 -18.00
CA PHE A 109 9.09 -12.17 -16.57
C PHE A 109 10.54 -12.45 -16.19
N ALA A 110 11.23 -13.26 -16.98
CA ALA A 110 12.62 -13.61 -16.73
C ALA A 110 13.51 -12.37 -16.76
N GLU A 111 13.09 -11.38 -17.54
CA GLU A 111 13.82 -10.13 -17.64
C GLU A 111 13.37 -9.16 -16.55
N GLY A 112 12.33 -9.55 -15.83
CA GLY A 112 11.81 -8.70 -14.77
C GLY A 112 11.18 -7.44 -15.33
N ARG A 113 10.59 -7.54 -16.51
CA ARG A 113 9.98 -6.38 -17.14
C ARG A 113 8.54 -6.59 -17.62
N HIS A 114 7.81 -7.51 -17.01
CA HIS A 114 6.43 -7.74 -17.40
C HIS A 114 5.53 -6.78 -16.62
N GLU A 115 4.95 -5.81 -17.32
CA GLU A 115 4.09 -4.79 -16.70
C GLU A 115 2.69 -5.24 -16.31
N ARG A 116 2.32 -6.45 -16.71
CA ARG A 116 0.99 -6.97 -16.35
C ARG A 116 1.17 -8.41 -15.90
N LEU A 117 2.16 -8.63 -15.04
CA LEU A 117 2.48 -9.96 -14.54
C LEU A 117 1.31 -10.66 -13.86
N TRP A 118 0.37 -9.89 -13.31
CA TRP A 118 -0.79 -10.48 -12.63
C TRP A 118 -1.72 -11.23 -13.57
N GLU A 119 -1.61 -10.98 -14.87
CA GLU A 119 -2.44 -11.67 -15.84
C GLU A 119 -1.78 -13.00 -16.22
N VAL A 120 -0.49 -13.14 -15.88
CA VAL A 120 0.28 -14.34 -16.19
C VAL A 120 0.37 -15.33 -15.03
N LEU A 121 0.85 -14.86 -13.88
CA LEU A 121 0.99 -15.72 -12.71
C LEU A 121 -0.28 -15.74 -11.86
N GLY A 122 -0.39 -16.74 -11.00
CA GLY A 122 -1.55 -16.86 -10.13
C GLY A 122 -2.61 -17.80 -10.65
N ALA A 123 -3.84 -17.60 -10.19
CA ALA A 123 -4.97 -18.43 -10.57
C ALA A 123 -5.94 -17.65 -11.45
N HIS A 124 -6.18 -18.15 -12.66
CA HIS A 124 -7.09 -17.50 -13.59
C HIS A 124 -8.05 -18.51 -14.20
N PRO A 125 -9.37 -18.24 -14.15
CA PRO A 125 -10.33 -19.17 -14.72
C PRO A 125 -10.15 -19.17 -16.24
N ARG A 126 -10.26 -20.33 -16.87
CA ARG A 126 -10.11 -20.40 -18.32
C ARG A 126 -11.03 -21.44 -18.94
N SER A 127 -11.31 -21.26 -20.23
CA SER A 127 -12.17 -22.18 -20.95
C SER A 127 -11.57 -22.52 -22.31
N PHE A 128 -11.57 -23.80 -22.64
CA PHE A 128 -11.05 -24.25 -23.92
C PHE A 128 -12.08 -25.11 -24.64
N THR A 129 -12.20 -24.87 -25.94
CA THR A 129 -13.15 -25.63 -26.75
C THR A 129 -12.42 -26.79 -27.43
N THR A 130 -12.62 -27.99 -26.90
CA THR A 130 -11.99 -29.19 -27.45
C THR A 130 -12.87 -29.83 -28.52
N ALA A 131 -12.94 -31.15 -28.50
CA ALA A 131 -13.75 -31.89 -29.47
C ALA A 131 -15.14 -32.19 -28.90
N ASP A 132 -15.18 -32.83 -27.73
CA ASP A 132 -16.44 -33.17 -27.08
C ASP A 132 -17.13 -31.97 -26.44
N GLY A 133 -16.67 -30.76 -26.77
CA GLY A 133 -17.28 -29.57 -26.22
C GLY A 133 -16.30 -28.63 -25.54
N VAL A 134 -16.83 -27.61 -24.87
CA VAL A 134 -16.00 -26.64 -24.17
C VAL A 134 -15.71 -27.09 -22.74
N VAL A 135 -14.46 -26.99 -22.34
CA VAL A 135 -14.06 -27.37 -20.99
C VAL A 135 -13.61 -26.14 -20.21
N SER A 136 -14.17 -25.97 -19.02
CA SER A 136 -13.83 -24.83 -18.18
C SER A 136 -13.12 -25.27 -16.91
N GLY A 137 -12.28 -24.39 -16.38
CA GLY A 137 -11.55 -24.70 -15.17
C GLY A 137 -10.66 -23.55 -14.76
N VAL A 138 -9.65 -23.83 -13.95
CA VAL A 138 -8.75 -22.80 -13.50
C VAL A 138 -7.29 -23.13 -13.78
N SER A 139 -6.57 -22.14 -14.28
CA SER A 139 -5.15 -22.25 -14.60
C SER A 139 -4.34 -21.73 -13.40
N PHE A 140 -3.30 -22.47 -13.04
CA PHE A 140 -2.45 -22.09 -11.91
C PHE A 140 -0.99 -21.95 -12.33
N ALA A 141 -0.31 -20.93 -11.81
CA ALA A 141 1.09 -20.70 -12.13
C ALA A 141 1.81 -20.09 -10.95
N VAL A 142 2.93 -20.71 -10.55
CA VAL A 142 3.72 -20.22 -9.42
C VAL A 142 5.20 -20.30 -9.74
N TRP A 143 5.94 -19.29 -9.29
CA TRP A 143 7.37 -19.24 -9.51
C TRP A 143 8.08 -19.91 -8.33
N ALA A 144 8.85 -20.96 -8.63
CA ALA A 144 9.61 -21.71 -7.62
C ALA A 144 10.67 -22.56 -8.33
N PRO A 145 11.73 -21.91 -8.84
CA PRO A 145 12.86 -22.49 -9.56
C PRO A 145 13.53 -23.72 -8.97
N ASN A 146 13.80 -23.68 -7.67
CA ASN A 146 14.50 -24.77 -7.02
C ASN A 146 13.66 -25.84 -6.34
N ALA A 147 12.34 -25.74 -6.48
CA ALA A 147 11.45 -26.74 -5.88
C ALA A 147 11.59 -28.05 -6.63
N LYS A 148 11.45 -29.17 -5.93
CA LYS A 148 11.53 -30.46 -6.59
C LYS A 148 10.16 -30.80 -7.14
N GLY A 149 9.15 -30.05 -6.70
CA GLY A 149 7.80 -30.28 -7.16
C GLY A 149 6.75 -29.41 -6.49
N VAL A 150 5.67 -29.13 -7.20
CA VAL A 150 4.58 -28.33 -6.66
C VAL A 150 3.25 -29.00 -7.02
N SER A 151 2.41 -29.21 -6.02
CA SER A 151 1.11 -29.83 -6.24
C SER A 151 0.00 -28.88 -5.80
N LEU A 152 -1.13 -28.96 -6.48
CA LEU A 152 -2.27 -28.14 -6.15
C LEU A 152 -3.13 -28.87 -5.11
N ILE A 153 -3.44 -28.22 -4.00
CA ILE A 153 -4.28 -28.82 -2.97
C ILE A 153 -5.40 -27.88 -2.62
N GLY A 154 -6.52 -28.44 -2.20
CA GLY A 154 -7.68 -27.64 -1.85
C GLY A 154 -8.78 -28.49 -1.27
N GLU A 155 -9.99 -27.93 -1.20
CA GLU A 155 -11.13 -28.65 -0.67
C GLU A 155 -11.36 -29.95 -1.41
N PHE A 156 -11.13 -29.95 -2.73
CA PHE A 156 -11.32 -31.14 -3.55
C PHE A 156 -10.34 -32.29 -3.21
N ASN A 157 -9.22 -31.95 -2.60
CA ASN A 157 -8.20 -32.94 -2.23
C ASN A 157 -8.19 -33.23 -0.74
N GLY A 158 -9.01 -32.53 0.02
CA GLY A 158 -9.02 -32.73 1.46
C GLY A 158 -7.73 -32.10 1.94
N TRP A 159 -7.28 -31.08 1.20
CA TRP A 159 -6.07 -30.33 1.50
C TRP A 159 -4.84 -31.20 1.73
N ASN A 160 -4.82 -32.37 1.10
CA ASN A 160 -3.70 -33.29 1.27
C ASN A 160 -3.56 -34.21 0.07
N GLY A 161 -4.18 -33.84 -1.04
CA GLY A 161 -4.11 -34.65 -2.25
C GLY A 161 -2.73 -34.73 -2.90
N HIS A 162 -2.62 -35.68 -3.83
CA HIS A 162 -1.37 -35.89 -4.56
C HIS A 162 -1.64 -36.02 -6.06
N GLU A 163 -2.92 -36.18 -6.40
CA GLU A 163 -3.33 -36.35 -7.80
C GLU A 163 -3.37 -35.06 -8.61
N ALA A 164 -2.78 -34.00 -8.06
CA ALA A 164 -2.76 -32.72 -8.77
C ALA A 164 -1.37 -32.10 -8.85
N PRO A 165 -0.37 -32.85 -9.34
CA PRO A 165 0.98 -32.30 -9.44
C PRO A 165 1.05 -31.29 -10.59
N MET A 166 1.91 -30.29 -10.44
CA MET A 166 2.09 -29.29 -11.48
C MET A 166 3.41 -29.59 -12.17
N ARG A 167 3.62 -28.99 -13.34
CA ARG A 167 4.85 -29.17 -14.10
C ARG A 167 5.59 -27.85 -14.17
N VAL A 168 6.91 -27.89 -14.23
CA VAL A 168 7.69 -26.68 -14.34
C VAL A 168 7.90 -26.44 -15.84
N LEU A 169 7.77 -25.20 -16.29
CA LEU A 169 7.92 -24.89 -17.70
C LEU A 169 9.35 -24.58 -18.10
N GLY A 170 10.09 -25.63 -18.46
CA GLY A 170 11.47 -25.46 -18.84
C GLY A 170 12.31 -24.87 -17.73
N PRO A 171 13.43 -24.18 -18.05
CA PRO A 171 14.29 -23.58 -17.03
C PRO A 171 13.74 -22.27 -16.45
N SER A 172 12.46 -21.98 -16.72
CA SER A 172 11.83 -20.74 -16.24
C SER A 172 11.58 -20.73 -14.73
N GLY A 173 11.37 -21.91 -14.16
CA GLY A 173 11.13 -22.00 -12.73
C GLY A 173 9.67 -21.78 -12.38
N VAL A 174 8.83 -21.58 -13.41
CA VAL A 174 7.42 -21.36 -13.21
C VAL A 174 6.65 -22.67 -13.34
N TRP A 175 5.89 -23.04 -12.31
CA TRP A 175 5.10 -24.26 -12.36
C TRP A 175 3.70 -23.93 -12.87
N GLU A 176 3.15 -24.80 -13.71
CA GLU A 176 1.84 -24.56 -14.29
C GLU A 176 0.94 -25.79 -14.27
N LEU A 177 -0.37 -25.54 -14.37
CA LEU A 177 -1.35 -26.61 -14.35
C LEU A 177 -2.75 -26.05 -14.59
N PHE A 178 -3.52 -26.74 -15.41
CA PHE A 178 -4.89 -26.35 -15.68
C PHE A 178 -5.77 -27.46 -15.11
N TRP A 179 -6.61 -27.12 -14.14
CA TRP A 179 -7.47 -28.12 -13.51
C TRP A 179 -8.92 -28.01 -13.95
N PRO A 180 -9.34 -28.91 -14.85
CA PRO A 180 -10.72 -28.91 -15.35
C PRO A 180 -11.77 -28.88 -14.25
N ASP A 181 -12.75 -28.00 -14.46
CA ASP A 181 -13.87 -27.87 -13.53
C ASP A 181 -13.53 -27.48 -12.10
N PHE A 182 -12.42 -26.77 -11.90
CA PHE A 182 -12.06 -26.32 -10.55
C PHE A 182 -13.05 -25.18 -10.25
N PRO A 183 -13.56 -25.10 -9.00
CA PRO A 183 -14.51 -24.06 -8.60
C PRO A 183 -14.09 -22.63 -8.94
N CYS A 184 -15.04 -21.83 -9.46
CA CYS A 184 -14.78 -20.44 -9.82
C CYS A 184 -14.28 -19.62 -8.63
N ASP A 185 -14.65 -20.02 -7.42
CA ASP A 185 -14.21 -19.31 -6.22
C ASP A 185 -13.72 -20.30 -5.17
N GLY A 186 -13.03 -21.34 -5.62
CA GLY A 186 -12.53 -22.34 -4.70
C GLY A 186 -11.29 -21.92 -3.93
N LEU A 187 -11.13 -22.50 -2.75
CA LEU A 187 -9.96 -22.24 -1.91
C LEU A 187 -8.85 -23.16 -2.40
N TYR A 188 -7.60 -22.78 -2.17
CA TYR A 188 -6.48 -23.60 -2.61
C TYR A 188 -5.16 -23.14 -2.02
N LYS A 189 -4.14 -23.99 -2.16
CA LYS A 189 -2.79 -23.72 -1.71
C LYS A 189 -1.87 -24.51 -2.63
N PHE A 190 -0.59 -24.16 -2.61
CA PHE A 190 0.39 -24.87 -3.44
C PHE A 190 1.26 -25.65 -2.48
N ARG A 191 1.22 -26.98 -2.58
CA ARG A 191 2.07 -27.78 -1.72
C ARG A 191 3.43 -27.80 -2.39
N VAL A 192 4.42 -27.17 -1.76
CA VAL A 192 5.75 -27.10 -2.34
C VAL A 192 6.79 -28.01 -1.70
N HIS A 193 7.45 -28.82 -2.53
CA HIS A 193 8.51 -29.70 -2.07
C HIS A 193 9.80 -28.91 -2.34
N GLY A 194 10.36 -28.32 -1.29
CA GLY A 194 11.55 -27.50 -1.40
C GLY A 194 12.83 -28.20 -1.82
N ALA A 195 13.79 -27.40 -2.24
CA ALA A 195 15.10 -27.89 -2.68
C ALA A 195 15.82 -28.47 -1.49
N ASP A 196 15.28 -28.22 -0.29
CA ASP A 196 15.88 -28.71 0.94
C ASP A 196 15.13 -29.92 1.50
N GLY A 197 14.27 -30.51 0.68
CA GLY A 197 13.51 -31.67 1.12
C GLY A 197 12.34 -31.40 2.04
N VAL A 198 12.14 -30.15 2.43
CA VAL A 198 11.05 -29.78 3.32
C VAL A 198 9.80 -29.43 2.53
N VAL A 199 8.69 -30.08 2.85
CA VAL A 199 7.42 -29.83 2.18
C VAL A 199 6.64 -28.74 2.91
N THR A 200 6.11 -27.77 2.17
CA THR A 200 5.35 -26.70 2.80
C THR A 200 4.11 -26.35 2.02
N ASP A 201 3.01 -26.08 2.72
CA ASP A 201 1.76 -25.71 2.09
C ASP A 201 1.72 -24.18 2.06
N ARG A 202 1.76 -23.64 0.85
CA ARG A 202 1.82 -22.20 0.63
C ARG A 202 0.59 -21.49 0.06
N ALA A 203 0.37 -20.29 0.56
CA ALA A 203 -0.70 -19.46 0.03
C ALA A 203 -0.10 -19.02 -1.30
N ASP A 204 -0.93 -18.60 -2.25
CA ASP A 204 -0.45 -18.15 -3.55
C ASP A 204 0.13 -16.73 -3.46
N PRO A 205 1.40 -16.54 -3.87
CA PRO A 205 2.02 -15.22 -3.83
C PRO A 205 1.20 -14.20 -4.64
N PHE A 206 0.51 -14.69 -5.66
CA PHE A 206 -0.30 -13.86 -6.52
C PHE A 206 -1.80 -14.01 -6.24
N ALA A 207 -2.13 -14.41 -5.01
CA ALA A 207 -3.52 -14.57 -4.62
C ALA A 207 -4.25 -13.25 -4.84
N PHE A 208 -5.38 -13.30 -5.52
CA PHE A 208 -6.19 -12.11 -5.77
C PHE A 208 -7.35 -12.10 -4.77
N GLY A 209 -7.51 -13.23 -4.08
CA GLY A 209 -8.55 -13.37 -3.06
C GLY A 209 -7.99 -14.24 -1.96
N THR A 210 -8.51 -14.12 -0.75
CA THR A 210 -8.00 -14.91 0.37
C THR A 210 -9.06 -15.31 1.39
N GLU A 211 -8.72 -16.29 2.20
CA GLU A 211 -9.60 -16.77 3.26
C GLU A 211 -9.45 -15.73 4.36
N VAL A 212 -10.47 -15.56 5.19
CA VAL A 212 -10.40 -14.57 6.26
C VAL A 212 -9.43 -15.01 7.35
N PRO A 213 -8.53 -14.13 7.78
CA PRO A 213 -7.59 -14.51 8.84
C PRO A 213 -8.42 -14.99 10.04
N PRO A 214 -7.88 -15.91 10.87
CA PRO A 214 -6.58 -16.57 10.83
C PRO A 214 -6.37 -17.59 9.72
N GLN A 215 -7.41 -17.92 8.96
CA GLN A 215 -7.26 -18.89 7.87
C GLN A 215 -6.19 -18.35 6.93
N THR A 216 -5.55 -19.25 6.18
CA THR A 216 -4.47 -18.86 5.28
C THR A 216 -4.52 -19.31 3.82
N ALA A 217 -5.64 -19.89 3.40
CA ALA A 217 -5.76 -20.34 2.02
C ALA A 217 -6.11 -19.18 1.09
N SER A 218 -5.78 -19.36 -0.19
CA SER A 218 -6.06 -18.37 -1.22
C SER A 218 -7.39 -18.76 -1.85
N ARG A 219 -8.04 -17.81 -2.53
CA ARG A 219 -9.31 -18.12 -3.18
C ARG A 219 -9.30 -17.57 -4.60
N VAL A 220 -9.67 -18.42 -5.56
CA VAL A 220 -9.72 -18.00 -6.96
C VAL A 220 -10.66 -16.80 -7.05
N THR A 221 -10.22 -15.74 -7.70
CA THR A 221 -11.01 -14.52 -7.81
C THR A 221 -10.85 -13.82 -9.16
N SER A 222 -11.96 -13.64 -9.86
CA SER A 222 -11.96 -12.96 -11.15
C SER A 222 -12.97 -11.83 -11.06
N SER A 223 -12.57 -10.63 -11.46
CA SER A 223 -13.45 -9.48 -11.41
C SER A 223 -13.94 -9.00 -12.77
N ASP A 224 -15.15 -8.45 -12.77
CA ASP A 224 -15.80 -7.90 -13.96
C ASP A 224 -16.55 -6.63 -13.51
N TYR A 225 -16.13 -6.11 -12.35
CA TYR A 225 -16.71 -4.91 -11.76
C TYR A 225 -16.85 -3.76 -12.74
N THR A 226 -17.97 -3.04 -12.67
CA THR A 226 -18.17 -1.91 -13.56
C THR A 226 -18.00 -0.60 -12.79
N TRP A 227 -16.93 0.12 -13.10
CA TRP A 227 -16.63 1.37 -12.42
C TRP A 227 -17.50 2.55 -12.85
N GLY A 228 -17.80 3.43 -11.90
CA GLY A 228 -18.60 4.61 -12.19
C GLY A 228 -17.78 5.87 -12.03
N ASP A 229 -16.46 5.71 -12.05
CA ASP A 229 -15.55 6.83 -11.86
C ASP A 229 -14.77 7.27 -13.10
N ASP A 230 -15.38 7.15 -14.28
CA ASP A 230 -14.72 7.55 -15.51
C ASP A 230 -14.27 9.01 -15.50
N ASP A 231 -15.14 9.89 -15.01
CA ASP A 231 -14.81 11.33 -14.97
C ASP A 231 -13.62 11.58 -14.08
N TRP A 232 -13.61 10.98 -12.89
CA TRP A 232 -12.48 11.17 -11.98
C TRP A 232 -11.19 10.69 -12.64
N MET A 233 -11.22 9.50 -13.22
CA MET A 233 -10.02 8.94 -13.86
C MET A 233 -9.49 9.77 -15.03
N ALA A 234 -10.39 10.32 -15.83
CA ALA A 234 -9.97 11.14 -16.97
C ALA A 234 -9.43 12.48 -16.48
N GLY A 235 -10.00 12.99 -15.39
CA GLY A 235 -9.55 14.26 -14.86
C GLY A 235 -8.17 14.15 -14.23
N ARG A 236 -7.96 13.05 -13.53
CA ARG A 236 -6.70 12.79 -12.83
C ARG A 236 -5.49 12.81 -13.76
N ALA A 237 -5.65 12.29 -14.96
CA ALA A 237 -4.56 12.24 -15.92
C ALA A 237 -4.12 13.61 -16.42
N LEU A 238 -4.96 14.62 -16.21
CA LEU A 238 -4.63 15.97 -16.66
C LEU A 238 -4.16 16.90 -15.55
N ARG A 239 -3.91 16.35 -14.37
CA ARG A 239 -3.46 17.18 -13.26
C ARG A 239 -2.10 16.76 -12.70
N ASN A 240 -1.49 17.67 -11.96
CA ASN A 240 -0.20 17.43 -11.32
C ASN A 240 -0.41 17.72 -9.83
N PRO A 241 -0.62 16.66 -9.03
CA PRO A 241 -0.86 16.71 -7.58
C PRO A 241 0.08 17.64 -6.82
N VAL A 242 1.33 17.69 -7.26
CA VAL A 242 2.34 18.52 -6.63
C VAL A 242 1.93 19.98 -6.60
N ASN A 243 1.18 20.41 -7.62
CA ASN A 243 0.74 21.81 -7.72
C ASN A 243 -0.73 21.98 -7.33
N GLU A 244 -1.35 20.94 -6.80
CA GLU A 244 -2.75 21.01 -6.40
C GLU A 244 -2.94 20.86 -4.90
N ALA A 245 -4.17 21.09 -4.45
CA ALA A 245 -4.52 20.97 -3.04
C ALA A 245 -4.40 19.52 -2.60
N MET A 246 -3.87 19.31 -1.40
CA MET A 246 -3.75 17.95 -0.86
C MET A 246 -3.80 17.97 0.66
N SER A 247 -5.02 17.76 1.17
CA SER A 247 -5.27 17.71 2.60
C SER A 247 -5.63 16.24 2.80
N THR A 248 -4.80 15.51 3.53
CA THR A 248 -4.99 14.08 3.70
C THR A 248 -5.44 13.57 5.06
N TYR A 249 -6.47 12.74 5.04
CA TYR A 249 -7.02 12.11 6.23
C TYR A 249 -6.46 10.68 6.25
N GLU A 250 -5.51 10.40 7.15
CA GLU A 250 -4.93 9.05 7.21
C GLU A 250 -5.85 8.11 8.01
N VAL A 251 -6.21 6.98 7.39
CA VAL A 251 -7.14 6.02 7.97
C VAL A 251 -6.73 4.53 8.00
N HIS A 252 -7.01 3.88 9.12
CA HIS A 252 -6.78 2.45 9.29
C HIS A 252 -8.19 1.87 9.20
N LEU A 253 -8.50 1.20 8.09
CA LEU A 253 -9.84 0.65 7.86
C LEU A 253 -10.45 -0.22 8.94
N GLY A 254 -9.62 -1.00 9.61
CA GLY A 254 -10.12 -1.89 10.64
C GLY A 254 -10.53 -1.24 11.94
N SER A 255 -9.98 -0.07 12.26
CA SER A 255 -10.31 0.55 13.52
C SER A 255 -10.94 1.93 13.48
N TRP A 256 -11.19 2.47 12.29
CA TRP A 256 -11.82 3.79 12.18
C TRP A 256 -13.17 3.68 12.91
N ARG A 257 -14.00 2.74 12.46
CA ARG A 257 -15.27 2.44 13.08
C ARG A 257 -15.34 0.92 13.00
N PRO A 258 -14.92 0.24 14.08
CA PRO A 258 -14.89 -1.22 14.19
C PRO A 258 -16.16 -1.90 13.70
N GLY A 259 -15.99 -2.95 12.92
CA GLY A 259 -17.12 -3.70 12.41
C GLY A 259 -17.68 -3.30 11.06
N LEU A 260 -17.22 -2.19 10.49
CA LEU A 260 -17.73 -1.77 9.18
C LEU A 260 -17.11 -2.56 8.03
N SER A 261 -17.93 -2.91 7.05
CA SER A 261 -17.45 -3.63 5.87
C SER A 261 -17.08 -2.60 4.81
N TYR A 262 -16.46 -3.05 3.71
CA TYR A 262 -16.09 -2.15 2.63
C TYR A 262 -17.31 -1.38 2.11
N ARG A 263 -18.42 -2.09 1.93
CA ARG A 263 -19.65 -1.49 1.41
C ARG A 263 -20.22 -0.43 2.35
N GLN A 264 -20.10 -0.63 3.65
CA GLN A 264 -20.59 0.33 4.63
C GLN A 264 -19.67 1.53 4.67
N LEU A 265 -18.37 1.27 4.55
CA LEU A 265 -17.35 2.32 4.55
C LEU A 265 -17.53 3.18 3.30
N ALA A 266 -17.99 2.56 2.22
CA ALA A 266 -18.18 3.26 0.97
C ALA A 266 -19.19 4.39 1.16
N ARG A 267 -20.01 4.26 2.19
CA ARG A 267 -21.03 5.25 2.54
C ARG A 267 -20.52 6.17 3.64
N GLU A 268 -20.28 5.57 4.80
CA GLU A 268 -19.81 6.27 6.00
C GLU A 268 -18.48 6.99 5.91
N LEU A 269 -17.44 6.34 5.41
CA LEU A 269 -16.13 6.97 5.32
C LEU A 269 -16.15 8.09 4.27
N THR A 270 -16.80 7.81 3.14
CA THR A 270 -16.90 8.80 2.06
C THR A 270 -17.59 10.06 2.56
N ASP A 271 -18.77 9.88 3.19
CA ASP A 271 -19.54 11.00 3.72
C ASP A 271 -18.76 11.73 4.81
N TYR A 272 -18.03 10.99 5.63
CA TYR A 272 -17.27 11.63 6.69
C TYR A 272 -16.21 12.55 6.10
N ILE A 273 -15.42 12.01 5.16
CA ILE A 273 -14.36 12.80 4.53
C ILE A 273 -14.90 14.02 3.80
N VAL A 274 -16.01 13.86 3.10
CA VAL A 274 -16.63 14.95 2.39
C VAL A 274 -17.03 16.06 3.37
N ASP A 275 -17.68 15.67 4.47
CA ASP A 275 -18.11 16.64 5.47
C ASP A 275 -16.98 17.30 6.26
N GLN A 276 -15.82 16.64 6.35
CA GLN A 276 -14.68 17.21 7.07
C GLN A 276 -13.81 18.06 6.14
N GLY A 277 -14.03 17.93 4.83
CA GLY A 277 -13.30 18.75 3.86
C GLY A 277 -11.95 18.28 3.34
N PHE A 278 -11.58 17.04 3.56
CA PHE A 278 -10.30 16.53 3.07
C PHE A 278 -10.38 16.22 1.58
N THR A 279 -9.28 16.46 0.86
CA THR A 279 -9.23 16.19 -0.57
C THR A 279 -8.79 14.75 -0.83
N HIS A 280 -8.06 14.16 0.12
CA HIS A 280 -7.58 12.80 -0.04
C HIS A 280 -7.68 11.97 1.23
N VAL A 281 -7.70 10.66 1.04
CA VAL A 281 -7.69 9.74 2.16
C VAL A 281 -6.48 8.84 1.93
N GLU A 282 -5.68 8.61 2.96
CA GLU A 282 -4.52 7.73 2.86
C GLU A 282 -4.84 6.52 3.72
N LEU A 283 -4.86 5.35 3.11
CA LEU A 283 -5.18 4.15 3.87
C LEU A 283 -3.95 3.36 4.30
N LEU A 284 -3.95 2.90 5.55
CA LEU A 284 -2.83 2.08 5.99
C LEU A 284 -2.98 0.82 5.11
N PRO A 285 -1.92 0.03 4.95
CA PRO A 285 -1.92 -1.18 4.11
C PRO A 285 -3.24 -1.92 4.03
N VAL A 286 -3.79 -2.04 2.82
CA VAL A 286 -5.05 -2.72 2.58
C VAL A 286 -4.86 -4.16 2.12
N ALA A 287 -3.65 -4.51 1.70
CA ALA A 287 -3.40 -5.89 1.24
C ALA A 287 -3.53 -6.85 2.40
N GLU A 288 -3.85 -8.09 2.10
CA GLU A 288 -4.02 -9.10 3.13
C GLU A 288 -2.82 -9.23 4.05
N HIS A 289 -3.11 -9.24 5.35
CA HIS A 289 -2.09 -9.38 6.38
C HIS A 289 -2.72 -10.26 7.46
N PRO A 290 -1.96 -11.22 7.99
CA PRO A 290 -2.46 -12.15 9.03
C PRO A 290 -2.67 -11.55 10.42
N PHE A 291 -1.89 -10.53 10.77
CA PHE A 291 -1.99 -9.95 12.09
C PHE A 291 -2.43 -8.48 12.11
N ALA A 292 -3.63 -8.24 12.62
CA ALA A 292 -4.18 -6.89 12.70
C ALA A 292 -3.28 -5.96 13.51
N GLY A 293 -2.55 -6.53 14.46
CA GLY A 293 -1.65 -5.74 15.29
C GLY A 293 -0.48 -5.15 14.53
N SER A 294 -0.24 -5.62 13.31
CA SER A 294 0.84 -5.07 12.49
C SER A 294 0.32 -3.83 11.79
N TRP A 295 -0.99 -3.59 11.93
CA TRP A 295 -1.69 -2.46 11.33
C TRP A 295 -1.76 -2.59 9.81
N GLY A 296 -1.25 -3.69 9.31
CA GLY A 296 -1.26 -3.93 7.88
C GLY A 296 0.11 -3.96 7.23
N TYR A 297 1.15 -3.57 7.97
CA TYR A 297 2.47 -3.53 7.37
C TYR A 297 3.14 -4.88 7.09
N GLN A 298 2.70 -5.94 7.78
CA GLN A 298 3.26 -7.26 7.53
C GLN A 298 2.32 -7.98 6.58
N VAL A 299 2.40 -7.63 5.31
CA VAL A 299 1.58 -8.20 4.26
C VAL A 299 2.03 -9.57 3.77
N THR A 300 1.06 -10.44 3.50
CA THR A 300 1.33 -11.79 2.99
C THR A 300 0.77 -11.99 1.57
N SER A 301 -0.27 -11.25 1.22
CA SER A 301 -0.87 -11.34 -0.12
C SER A 301 -0.88 -9.93 -0.72
N TYR A 302 0.19 -9.58 -1.42
CA TYR A 302 0.36 -8.28 -2.03
C TYR A 302 -0.68 -7.94 -3.09
N TYR A 303 -1.24 -8.96 -3.73
CA TYR A 303 -2.22 -8.75 -4.78
C TYR A 303 -3.68 -8.89 -4.38
N ALA A 304 -3.96 -8.88 -3.08
CA ALA A 304 -5.34 -9.02 -2.64
C ALA A 304 -5.69 -8.15 -1.43
N PRO A 305 -6.83 -7.44 -1.51
CA PRO A 305 -7.28 -6.57 -0.42
C PRO A 305 -7.71 -7.51 0.71
N THR A 306 -7.49 -7.13 1.98
CA THR A 306 -7.87 -8.02 3.08
C THR A 306 -9.35 -8.39 3.01
N SER A 307 -9.63 -9.68 3.18
CA SER A 307 -10.99 -10.21 3.14
C SER A 307 -11.79 -9.96 4.43
N ARG A 308 -11.16 -9.31 5.41
CA ARG A 308 -11.81 -9.00 6.67
C ARG A 308 -13.06 -8.14 6.44
N PHE A 309 -13.01 -7.26 5.45
CA PHE A 309 -14.12 -6.36 5.22
C PHE A 309 -15.00 -6.63 3.99
N GLY A 310 -14.71 -7.72 3.29
CA GLY A 310 -15.48 -8.05 2.11
C GLY A 310 -14.60 -8.55 0.99
N THR A 311 -15.16 -8.58 -0.22
CA THR A 311 -14.45 -9.05 -1.39
C THR A 311 -13.71 -7.94 -2.11
N PRO A 312 -12.84 -8.30 -3.09
CA PRO A 312 -12.09 -7.30 -3.84
C PRO A 312 -13.02 -6.32 -4.53
N ASP A 313 -14.12 -6.83 -5.09
CA ASP A 313 -15.09 -5.95 -5.74
C ASP A 313 -15.69 -5.02 -4.70
N ASP A 314 -15.88 -5.53 -3.49
CA ASP A 314 -16.42 -4.69 -2.41
C ASP A 314 -15.42 -3.55 -2.18
N PHE A 315 -14.13 -3.85 -2.26
CA PHE A 315 -13.13 -2.82 -2.05
C PHE A 315 -13.16 -1.81 -3.21
N ARG A 316 -13.37 -2.30 -4.42
CA ARG A 316 -13.45 -1.44 -5.59
C ARG A 316 -14.61 -0.45 -5.40
N ALA A 317 -15.68 -0.92 -4.77
CA ALA A 317 -16.85 -0.06 -4.53
C ALA A 317 -16.49 1.08 -3.57
N LEU A 318 -15.60 0.81 -2.62
CA LEU A 318 -15.17 1.84 -1.68
C LEU A 318 -14.39 2.91 -2.46
N VAL A 319 -13.42 2.47 -3.26
CA VAL A 319 -12.60 3.37 -4.06
C VAL A 319 -13.49 4.12 -5.05
N ASP A 320 -14.40 3.40 -5.69
CA ASP A 320 -15.32 3.98 -6.67
C ASP A 320 -16.15 5.10 -6.02
N ALA A 321 -16.68 4.83 -4.83
CA ALA A 321 -17.49 5.80 -4.12
C ALA A 321 -16.71 7.04 -3.73
N LEU A 322 -15.48 6.87 -3.26
CA LEU A 322 -14.68 8.02 -2.88
C LEU A 322 -14.42 8.89 -4.12
N HIS A 323 -14.09 8.22 -5.24
CA HIS A 323 -13.84 8.91 -6.51
C HIS A 323 -15.02 9.74 -7.01
N GLN A 324 -16.24 9.19 -6.89
CA GLN A 324 -17.41 9.90 -7.35
C GLN A 324 -17.71 11.09 -6.44
N ALA A 325 -17.14 11.07 -5.25
CA ALA A 325 -17.33 12.16 -4.29
C ALA A 325 -16.20 13.17 -4.41
N GLY A 326 -15.28 12.92 -5.34
CA GLY A 326 -14.17 13.84 -5.56
C GLY A 326 -12.97 13.66 -4.64
N ILE A 327 -12.88 12.51 -3.99
CA ILE A 327 -11.79 12.21 -3.06
C ILE A 327 -10.71 11.32 -3.68
N GLY A 328 -9.46 11.73 -3.53
CA GLY A 328 -8.35 10.95 -4.06
C GLY A 328 -8.01 9.86 -3.05
N VAL A 329 -7.50 8.72 -3.52
CA VAL A 329 -7.17 7.61 -2.62
C VAL A 329 -5.71 7.15 -2.70
N ILE A 330 -5.02 7.26 -1.57
CA ILE A 330 -3.63 6.86 -1.46
C ILE A 330 -3.54 5.64 -0.55
N VAL A 331 -2.75 4.65 -0.95
CA VAL A 331 -2.60 3.43 -0.16
C VAL A 331 -1.15 3.20 0.25
N ASP A 332 -0.96 2.81 1.50
CA ASP A 332 0.38 2.51 1.99
C ASP A 332 0.83 1.21 1.34
N TRP A 333 1.96 1.29 0.64
CA TRP A 333 2.53 0.17 -0.09
C TRP A 333 3.77 -0.24 0.68
N VAL A 334 3.92 -1.54 0.94
CA VAL A 334 5.04 -2.00 1.75
C VAL A 334 6.13 -2.89 1.16
N PRO A 335 6.96 -2.34 0.26
CA PRO A 335 8.04 -3.13 -0.34
C PRO A 335 9.16 -3.37 0.68
N ALA A 336 9.18 -2.54 1.72
CA ALA A 336 10.21 -2.63 2.76
C ALA A 336 9.97 -3.70 3.82
N HIS A 337 8.76 -4.27 3.85
CA HIS A 337 8.45 -5.30 4.83
C HIS A 337 8.42 -6.63 4.12
N PHE A 338 8.91 -7.66 4.79
CA PHE A 338 8.94 -9.00 4.22
C PHE A 338 8.24 -9.98 5.13
N PRO A 339 7.26 -10.73 4.59
CA PRO A 339 6.47 -11.75 5.30
C PRO A 339 7.35 -12.77 6.01
N LYS A 340 7.11 -12.99 7.31
CA LYS A 340 7.91 -13.97 8.03
C LYS A 340 7.17 -15.30 8.29
N ASP A 341 5.91 -15.37 7.87
CA ASP A 341 5.09 -16.56 8.04
C ASP A 341 5.57 -17.69 7.12
N ALA A 342 5.66 -18.90 7.66
CA ALA A 342 6.12 -20.07 6.92
C ALA A 342 5.25 -20.46 5.72
N TRP A 343 3.99 -20.06 5.75
CA TRP A 343 3.07 -20.36 4.66
C TRP A 343 3.01 -19.23 3.65
N ALA A 344 3.83 -18.20 3.86
CA ALA A 344 3.83 -17.04 2.98
C ALA A 344 4.97 -17.01 1.95
N LEU A 345 5.88 -16.05 2.08
CA LEU A 345 6.98 -15.90 1.13
C LEU A 345 8.38 -16.35 1.52
N GLY A 346 8.64 -16.53 2.82
CA GLY A 346 9.98 -16.95 3.25
C GLY A 346 10.44 -18.29 2.71
N ARG A 347 11.69 -18.37 2.26
CA ARG A 347 12.27 -19.61 1.70
C ARG A 347 11.19 -20.37 0.95
N PHE A 348 10.58 -19.69 -0.02
CA PHE A 348 9.50 -20.25 -0.79
C PHE A 348 9.74 -21.60 -1.45
N ASP A 349 10.85 -21.73 -2.18
CA ASP A 349 11.14 -23.00 -2.86
C ASP A 349 12.18 -23.85 -2.14
N GLY A 350 12.42 -23.55 -0.87
CA GLY A 350 13.40 -24.30 -0.11
C GLY A 350 14.71 -23.54 -0.02
N THR A 351 14.77 -22.41 -0.73
CA THR A 351 15.95 -21.54 -0.73
C THR A 351 15.47 -20.11 -0.50
N PRO A 352 16.40 -19.19 -0.20
CA PRO A 352 15.99 -17.79 0.03
C PRO A 352 15.65 -17.17 -1.33
N LEU A 353 14.51 -17.55 -1.87
CA LEU A 353 14.06 -17.08 -3.18
C LEU A 353 13.77 -15.58 -3.28
N TYR A 354 12.78 -15.12 -2.53
CA TYR A 354 12.37 -13.71 -2.54
C TYR A 354 13.26 -12.78 -1.71
N GLU A 355 13.80 -13.29 -0.59
CA GLU A 355 14.62 -12.45 0.27
C GLU A 355 16.09 -12.43 -0.12
N HIS A 356 16.74 -11.31 0.17
CA HIS A 356 18.16 -11.13 -0.13
C HIS A 356 18.97 -12.12 0.68
N SER A 357 19.80 -12.91 0.00
CA SER A 357 20.62 -13.90 0.68
C SER A 357 21.94 -13.34 1.18
N ASP A 358 22.67 -14.18 1.91
CA ASP A 358 23.96 -13.80 2.50
C ASP A 358 24.80 -15.06 2.74
N PRO A 359 26.06 -14.90 3.20
CA PRO A 359 26.95 -16.04 3.45
C PRO A 359 26.26 -17.23 4.15
N LYS A 360 26.79 -18.42 3.90
CA LYS A 360 26.24 -19.65 4.48
C LYS A 360 26.47 -19.76 5.99
N ARG A 361 26.36 -20.98 6.50
CA ARG A 361 26.54 -21.28 7.92
C ARG A 361 27.91 -20.82 8.41
N GLY A 362 27.94 -20.25 9.61
CA GLY A 362 29.19 -19.77 10.18
C GLY A 362 29.04 -18.53 11.05
N GLU A 363 30.15 -18.10 11.65
CA GLU A 363 30.14 -16.91 12.51
C GLU A 363 29.92 -15.65 11.68
N GLN A 364 30.89 -14.73 11.74
CA GLN A 364 30.84 -13.47 11.01
C GLN A 364 29.62 -12.60 11.32
N LEU A 365 29.32 -11.66 10.42
CA LEU A 365 28.21 -10.75 10.59
C LEU A 365 27.00 -11.14 9.73
N ASP A 366 26.45 -12.34 9.96
CA ASP A 366 25.29 -12.80 9.20
C ASP A 366 24.06 -12.96 10.09
N TRP A 367 23.11 -12.03 9.95
CA TRP A 367 21.89 -12.02 10.75
C TRP A 367 20.63 -12.28 9.92
N GLY A 368 19.48 -12.12 10.56
CA GLY A 368 18.22 -12.34 9.88
C GLY A 368 17.69 -11.11 9.16
N THR A 369 16.60 -10.54 9.68
CA THR A 369 15.97 -9.36 9.09
C THR A 369 15.74 -9.59 7.60
N TYR A 370 14.56 -10.12 7.27
CA TYR A 370 14.22 -10.43 5.89
C TYR A 370 13.78 -9.23 5.04
N VAL A 371 14.52 -8.99 3.98
CA VAL A 371 14.21 -7.91 3.04
C VAL A 371 14.19 -8.49 1.63
N PHE A 372 13.35 -7.93 0.77
CA PHE A 372 13.24 -8.40 -0.61
C PHE A 372 14.57 -8.25 -1.36
N ASP A 373 14.85 -9.20 -2.24
CA ASP A 373 16.06 -9.16 -3.05
C ASP A 373 15.80 -8.34 -4.32
N PHE A 374 15.91 -7.03 -4.20
CA PHE A 374 15.67 -6.13 -5.32
C PHE A 374 16.61 -6.38 -6.50
N GLY A 375 17.67 -7.15 -6.27
CA GLY A 375 18.60 -7.46 -7.32
C GLY A 375 18.08 -8.56 -8.25
N ARG A 376 17.06 -9.30 -7.82
CA ARG A 376 16.55 -10.38 -8.65
C ARG A 376 15.41 -9.94 -9.56
N PRO A 377 15.61 -10.08 -10.89
CA PRO A 377 14.63 -9.69 -11.90
C PRO A 377 13.17 -10.05 -11.60
N GLU A 378 12.93 -11.33 -11.26
CA GLU A 378 11.57 -11.78 -10.97
C GLU A 378 11.00 -11.20 -9.67
N VAL A 379 11.86 -10.96 -8.68
CA VAL A 379 11.39 -10.40 -7.42
C VAL A 379 11.05 -8.92 -7.66
N ARG A 380 11.95 -8.24 -8.36
CA ARG A 380 11.72 -6.84 -8.70
C ARG A 380 10.42 -6.73 -9.50
N ASN A 381 10.22 -7.65 -10.44
CA ASN A 381 9.02 -7.66 -11.26
C ASN A 381 7.79 -7.90 -10.38
N PHE A 382 7.90 -8.82 -9.43
CA PHE A 382 6.82 -9.12 -8.49
C PHE A 382 6.34 -7.83 -7.80
N LEU A 383 7.31 -7.02 -7.37
CA LEU A 383 7.01 -5.76 -6.68
C LEU A 383 6.57 -4.62 -7.62
N VAL A 384 7.30 -4.39 -8.71
CA VAL A 384 6.93 -3.31 -9.63
C VAL A 384 5.54 -3.53 -10.22
N ALA A 385 5.25 -4.76 -10.62
CA ALA A 385 3.95 -5.06 -11.20
C ALA A 385 2.83 -4.90 -10.16
N ASN A 386 3.17 -5.08 -8.89
CA ASN A 386 2.17 -4.96 -7.82
C ASN A 386 1.76 -3.50 -7.68
N ALA A 387 2.73 -2.60 -7.82
CA ALA A 387 2.44 -1.18 -7.75
C ALA A 387 1.47 -0.85 -8.89
N LEU A 388 1.81 -1.31 -10.10
CA LEU A 388 0.96 -1.05 -11.25
C LEU A 388 -0.40 -1.69 -11.05
N TYR A 389 -0.41 -2.88 -10.45
CA TYR A 389 -1.65 -3.61 -10.19
C TYR A 389 -2.67 -2.76 -9.42
N TRP A 390 -2.25 -2.22 -8.29
CA TRP A 390 -3.15 -1.41 -7.50
C TRP A 390 -3.61 -0.15 -8.20
N LEU A 391 -2.73 0.46 -8.98
CA LEU A 391 -3.08 1.68 -9.68
C LEU A 391 -4.06 1.45 -10.84
N GLN A 392 -3.91 0.34 -11.54
CA GLN A 392 -4.77 0.06 -12.69
C GLN A 392 -5.98 -0.80 -12.41
N GLU A 393 -5.81 -1.82 -11.58
CA GLU A 393 -6.91 -2.73 -11.26
C GLU A 393 -7.81 -2.20 -10.16
N PHE A 394 -7.29 -1.33 -9.30
CA PHE A 394 -8.11 -0.81 -8.21
C PHE A 394 -8.24 0.69 -8.24
N HIS A 395 -7.75 1.29 -9.32
CA HIS A 395 -7.83 2.73 -9.52
C HIS A 395 -7.21 3.59 -8.42
N ILE A 396 -6.29 3.03 -7.64
CA ILE A 396 -5.64 3.79 -6.56
C ILE A 396 -4.89 5.01 -7.15
N ASP A 397 -5.02 6.17 -6.50
CA ASP A 397 -4.40 7.38 -7.03
C ASP A 397 -2.97 7.65 -6.57
N GLY A 398 -2.53 6.92 -5.55
CA GLY A 398 -1.20 7.14 -5.07
C GLY A 398 -0.72 6.04 -4.17
N LEU A 399 0.59 5.99 -3.96
CA LEU A 399 1.20 4.98 -3.11
C LEU A 399 2.21 5.64 -2.19
N ARG A 400 2.16 5.32 -0.90
CA ARG A 400 3.12 5.86 0.04
C ARG A 400 3.96 4.70 0.55
N VAL A 401 5.27 4.82 0.38
CA VAL A 401 6.22 3.80 0.81
C VAL A 401 6.90 4.22 2.09
N ASP A 402 6.72 3.43 3.15
CA ASP A 402 7.34 3.75 4.44
C ASP A 402 8.71 3.09 4.53
N ALA A 403 9.44 3.46 5.57
CA ALA A 403 10.76 2.92 5.85
C ALA A 403 11.67 2.80 4.62
N VAL A 404 11.69 3.81 3.76
CA VAL A 404 12.55 3.76 2.59
C VAL A 404 14.03 3.69 2.99
N ALA A 405 14.39 4.31 4.10
CA ALA A 405 15.77 4.29 4.55
C ALA A 405 16.25 2.87 4.80
N SER A 406 15.36 2.02 5.32
CA SER A 406 15.74 0.63 5.58
C SER A 406 15.98 -0.12 4.27
N MET A 407 15.53 0.46 3.16
CA MET A 407 15.71 -0.17 1.86
C MET A 407 16.99 0.32 1.19
N LEU A 408 17.29 1.60 1.36
CA LEU A 408 18.46 2.20 0.75
C LEU A 408 19.79 1.90 1.42
N TYR A 409 19.76 1.42 2.67
CA TYR A 409 21.01 1.13 3.38
C TYR A 409 21.18 -0.31 3.86
N LEU A 410 22.39 -0.82 3.69
CA LEU A 410 22.77 -2.17 4.06
C LEU A 410 23.46 -2.13 5.43
N ASP A 411 23.80 -0.92 5.86
CA ASP A 411 24.49 -0.63 7.12
C ASP A 411 24.27 -1.55 8.33
N TYR A 412 25.23 -1.45 9.25
CA TYR A 412 25.27 -2.21 10.50
C TYR A 412 26.65 -2.06 11.14
N SER A 413 26.69 -2.11 12.47
CA SER A 413 27.94 -2.01 13.24
C SER A 413 28.89 -0.89 12.86
N ARG A 414 29.41 -0.23 13.89
CA ARG A 414 30.39 0.85 13.73
C ARG A 414 31.78 0.23 13.94
N PRO A 415 32.55 0.07 12.84
CA PRO A 415 33.90 -0.51 12.86
C PRO A 415 34.86 0.11 13.87
N GLU A 416 35.89 -0.67 14.22
CA GLU A 416 36.92 -0.22 15.15
C GLU A 416 38.26 -0.68 14.56
N GLY A 417 39.26 0.18 14.62
CA GLY A 417 40.55 -0.17 14.06
C GLY A 417 40.75 0.49 12.71
N GLY A 418 39.62 0.87 12.08
CA GLY A 418 39.67 1.53 10.79
C GLY A 418 39.30 3.00 10.93
N TRP A 419 40.31 3.86 11.03
CA TRP A 419 40.10 5.30 11.19
C TRP A 419 40.27 6.08 9.89
N THR A 420 39.92 5.46 8.76
CA THR A 420 40.02 6.08 7.45
C THR A 420 38.74 5.94 6.63
N PRO A 421 38.31 7.03 5.96
CA PRO A 421 37.09 7.03 5.14
C PRO A 421 37.29 6.21 3.84
N ASN A 422 36.48 5.16 3.69
CA ASN A 422 36.57 4.31 2.50
C ASN A 422 35.24 4.25 1.74
N VAL A 423 35.25 4.69 0.49
CA VAL A 423 34.04 4.68 -0.35
C VAL A 423 33.89 3.32 -1.05
N HIS A 424 34.16 3.29 -2.35
CA HIS A 424 34.06 2.06 -3.15
C HIS A 424 32.66 1.47 -3.08
N GLY A 425 32.42 0.65 -2.06
CA GLY A 425 31.12 0.05 -1.87
C GLY A 425 30.45 0.68 -0.66
N GLY A 426 29.88 1.86 -0.86
CA GLY A 426 29.21 2.57 0.22
C GLY A 426 28.09 1.77 0.86
N ARG A 427 27.41 2.40 1.81
CA ARG A 427 26.30 1.75 2.51
C ARG A 427 25.05 1.73 1.66
N GLU A 428 25.12 2.32 0.47
CA GLU A 428 23.98 2.40 -0.43
C GLU A 428 23.67 1.13 -1.22
N ASN A 429 22.43 0.65 -1.10
CA ASN A 429 21.99 -0.55 -1.80
C ASN A 429 21.58 -0.13 -3.20
N LEU A 430 22.53 -0.21 -4.14
CA LEU A 430 22.28 0.18 -5.52
C LEU A 430 21.11 -0.57 -6.15
N GLU A 431 20.86 -1.80 -5.72
CA GLU A 431 19.75 -2.57 -6.25
C GLU A 431 18.41 -1.95 -5.83
N ALA A 432 18.29 -1.60 -4.56
CA ALA A 432 17.07 -0.99 -4.03
C ALA A 432 16.81 0.35 -4.71
N VAL A 433 17.87 1.13 -4.89
CA VAL A 433 17.79 2.43 -5.56
C VAL A 433 17.26 2.25 -6.99
N GLN A 434 17.81 1.28 -7.71
CA GLN A 434 17.40 1.00 -9.08
C GLN A 434 15.94 0.55 -9.09
N PHE A 435 15.55 -0.22 -8.08
CA PHE A 435 14.18 -0.70 -7.97
C PHE A 435 13.20 0.46 -7.76
N LEU A 436 13.49 1.33 -6.80
CA LEU A 436 12.60 2.47 -6.54
C LEU A 436 12.50 3.38 -7.75
N GLN A 437 13.60 3.55 -8.49
CA GLN A 437 13.57 4.40 -9.67
C GLN A 437 12.69 3.80 -10.76
N GLU A 438 12.80 2.49 -10.95
CA GLU A 438 12.01 1.79 -11.96
C GLU A 438 10.53 1.84 -11.59
N MET A 439 10.24 1.58 -10.33
CA MET A 439 8.86 1.59 -9.85
C MET A 439 8.23 2.94 -10.12
N ASN A 440 8.93 4.02 -9.75
CA ASN A 440 8.41 5.37 -9.93
C ASN A 440 8.25 5.75 -11.40
N ALA A 441 9.30 5.52 -12.20
CA ALA A 441 9.25 5.84 -13.62
C ALA A 441 8.12 5.08 -14.32
N THR A 442 8.02 3.78 -14.04
CA THR A 442 7.01 2.96 -14.67
C THR A 442 5.58 3.34 -14.25
N ALA A 443 5.39 3.57 -12.95
CA ALA A 443 4.08 3.93 -12.44
C ALA A 443 3.59 5.24 -13.05
N HIS A 444 4.40 6.29 -12.95
CA HIS A 444 4.02 7.58 -13.50
C HIS A 444 3.83 7.54 -15.02
N LYS A 445 4.48 6.58 -15.67
CA LYS A 445 4.36 6.45 -17.12
C LYS A 445 3.04 5.78 -17.48
N VAL A 446 2.73 4.69 -16.80
CA VAL A 446 1.51 3.93 -17.04
C VAL A 446 0.25 4.62 -16.54
N ALA A 447 0.35 5.34 -15.42
CA ALA A 447 -0.79 6.03 -14.84
C ALA A 447 -0.50 7.49 -14.50
N PRO A 448 -0.40 8.35 -15.53
CA PRO A 448 -0.13 9.77 -15.33
C PRO A 448 -1.11 10.41 -14.34
N GLY A 449 -0.59 11.28 -13.48
CA GLY A 449 -1.46 11.94 -12.52
C GLY A 449 -1.48 11.30 -11.13
N ILE A 450 -0.90 10.11 -11.00
CA ILE A 450 -0.85 9.45 -9.69
C ILE A 450 0.34 10.01 -8.92
N VAL A 451 0.42 9.72 -7.62
CA VAL A 451 1.53 10.21 -6.83
C VAL A 451 2.15 9.09 -6.05
N THR A 452 3.46 9.14 -5.94
CA THR A 452 4.19 8.16 -5.15
C THR A 452 4.79 9.02 -4.05
N ILE A 453 4.65 8.56 -2.81
CA ILE A 453 5.15 9.33 -1.68
C ILE A 453 6.07 8.46 -0.86
N ALA A 454 7.16 9.05 -0.39
CA ALA A 454 8.14 8.32 0.39
C ALA A 454 8.36 8.91 1.78
N GLU A 455 8.59 8.02 2.73
CA GLU A 455 8.91 8.44 4.09
C GLU A 455 10.34 7.95 4.26
N GLU A 456 11.27 8.90 4.25
CA GLU A 456 12.72 8.68 4.36
C GLU A 456 13.25 9.40 5.60
N SER A 457 13.84 8.65 6.54
CA SER A 457 14.35 9.27 7.76
C SER A 457 15.81 9.69 7.72
N THR A 458 16.52 9.33 6.65
CA THR A 458 17.93 9.70 6.53
C THR A 458 18.14 10.98 5.74
N PRO A 459 19.38 11.50 5.74
CA PRO A 459 19.73 12.73 5.02
C PRO A 459 19.75 12.55 3.49
N TRP A 460 19.17 11.47 2.99
CA TRP A 460 19.14 11.22 1.56
C TRP A 460 18.44 12.37 0.83
N SER A 461 19.08 12.90 -0.21
CA SER A 461 18.51 14.01 -0.97
C SER A 461 18.13 13.59 -2.39
N GLY A 462 17.26 14.38 -3.02
CA GLY A 462 16.83 14.07 -4.37
C GLY A 462 15.76 13.00 -4.38
N VAL A 463 15.16 12.77 -3.21
CA VAL A 463 14.10 11.77 -3.07
C VAL A 463 12.97 12.03 -4.06
N THR A 464 12.57 13.29 -4.20
CA THR A 464 11.50 13.65 -5.12
C THR A 464 12.02 14.24 -6.44
N ARG A 465 13.30 13.99 -6.69
CA ARG A 465 13.98 14.46 -7.90
C ARG A 465 13.70 13.46 -9.03
N PRO A 466 13.51 13.94 -10.26
CA PRO A 466 13.23 13.06 -11.40
C PRO A 466 14.30 11.98 -11.58
N THR A 467 13.85 10.78 -11.96
CA THR A 467 14.75 9.65 -12.17
C THR A 467 15.79 9.95 -13.27
N ASN A 468 15.38 10.73 -14.27
CA ASN A 468 16.26 11.07 -15.38
C ASN A 468 17.47 11.95 -15.02
N ILE A 469 17.57 12.34 -13.75
CA ILE A 469 18.70 13.14 -13.31
C ILE A 469 19.29 12.65 -11.99
N GLY A 470 19.05 11.38 -11.66
CA GLY A 470 19.60 10.81 -10.44
C GLY A 470 18.67 10.65 -9.25
N GLY A 471 17.50 11.28 -9.31
CA GLY A 471 16.57 11.17 -8.19
C GLY A 471 15.94 9.79 -8.06
N LEU A 472 15.19 9.58 -6.98
CA LEU A 472 14.53 8.31 -6.76
C LEU A 472 13.20 8.28 -7.51
N GLY A 473 12.77 9.45 -7.99
CA GLY A 473 11.54 9.54 -8.75
C GLY A 473 10.23 9.73 -8.01
N PHE A 474 10.27 9.87 -6.68
CA PHE A 474 9.05 10.05 -5.91
C PHE A 474 8.41 11.41 -6.19
N SER A 475 7.08 11.47 -6.16
CA SER A 475 6.40 12.75 -6.38
C SER A 475 6.61 13.61 -5.14
N MET A 476 6.46 12.99 -3.97
CA MET A 476 6.59 13.70 -2.69
C MET A 476 7.26 12.87 -1.59
N LYS A 477 7.59 13.54 -0.49
CA LYS A 477 8.17 12.86 0.64
C LYS A 477 7.67 13.50 1.93
N TRP A 478 7.64 12.69 2.98
CA TRP A 478 7.20 13.16 4.29
C TRP A 478 8.27 14.06 4.90
N ASN A 479 7.85 15.21 5.40
CA ASN A 479 8.80 16.13 6.02
C ASN A 479 8.90 15.75 7.49
N MET A 480 9.78 14.78 7.78
CA MET A 480 9.96 14.31 9.15
C MET A 480 10.61 15.34 10.05
N GLY A 481 11.48 16.16 9.49
CA GLY A 481 12.14 17.19 10.27
C GLY A 481 11.12 18.21 10.76
N TRP A 482 10.22 18.62 9.87
CA TRP A 482 9.17 19.58 10.23
C TRP A 482 8.32 19.01 11.35
N MET A 483 8.00 17.71 11.27
CA MET A 483 7.16 17.06 12.27
C MET A 483 7.85 17.01 13.64
N HIS A 484 9.11 16.60 13.68
CA HIS A 484 9.84 16.53 14.94
C HIS A 484 10.07 17.90 15.59
N ASP A 485 10.55 18.86 14.82
CA ASP A 485 10.80 20.21 15.35
C ASP A 485 9.49 20.86 15.80
N THR A 486 8.43 20.70 15.00
CA THR A 486 7.13 21.30 15.32
C THR A 486 6.52 20.73 16.59
N LEU A 487 6.48 19.40 16.69
CA LEU A 487 5.89 18.75 17.88
C LEU A 487 6.73 18.96 19.13
N ASP A 488 8.05 19.08 18.97
CA ASP A 488 8.90 19.30 20.14
C ASP A 488 8.60 20.70 20.70
N TYR A 489 8.46 21.66 19.79
CA TYR A 489 8.18 23.05 20.16
C TYR A 489 6.83 23.27 20.83
N VAL A 490 5.77 22.74 20.24
CA VAL A 490 4.43 22.91 20.78
C VAL A 490 4.22 22.14 22.09
N SER A 491 5.07 21.15 22.34
CA SER A 491 4.99 20.36 23.57
C SER A 491 5.52 21.12 24.78
N ARG A 492 6.34 22.13 24.53
CA ARG A 492 6.91 22.92 25.61
C ARG A 492 5.97 24.00 26.12
N ASP A 493 6.04 24.24 27.43
CA ASP A 493 5.21 25.25 28.06
C ASP A 493 5.56 26.60 27.46
N PRO A 494 4.55 27.44 27.20
CA PRO A 494 4.73 28.76 26.62
C PRO A 494 5.85 29.63 27.22
N VAL A 495 6.05 29.56 28.54
CA VAL A 495 7.10 30.37 29.16
C VAL A 495 8.52 29.96 28.74
N TYR A 496 8.63 28.86 28.01
CA TYR A 496 9.94 28.37 27.56
C TYR A 496 10.07 28.41 26.03
N ARG A 497 8.97 28.63 25.34
CA ARG A 497 8.98 28.64 23.88
C ARG A 497 10.01 29.57 23.23
N SER A 498 10.27 30.71 23.86
CA SER A 498 11.25 31.65 23.32
C SER A 498 12.58 30.95 23.06
N TYR A 499 12.96 30.04 23.96
CA TYR A 499 14.22 29.33 23.82
C TYR A 499 14.26 28.41 22.62
N HIS A 500 13.10 28.10 22.04
CA HIS A 500 13.08 27.19 20.90
C HIS A 500 12.47 27.79 19.66
N HIS A 501 12.40 29.11 19.62
CA HIS A 501 11.86 29.83 18.47
C HIS A 501 12.60 29.39 17.19
N HIS A 502 13.93 29.34 17.26
CA HIS A 502 14.74 28.94 16.12
C HIS A 502 14.41 27.51 15.70
N GLU A 503 13.97 26.69 16.65
CA GLU A 503 13.63 25.33 16.31
C GLU A 503 12.34 25.31 15.48
N MET A 504 11.40 26.18 15.84
CA MET A 504 10.13 26.26 15.15
C MET A 504 10.24 26.77 13.71
N THR A 505 11.16 27.69 13.45
CA THR A 505 11.30 28.24 12.10
C THR A 505 12.40 27.58 11.28
N PHE A 506 13.05 26.56 11.85
CA PHE A 506 14.14 25.87 11.17
C PHE A 506 13.74 25.14 9.89
N SER A 507 12.53 24.57 9.87
CA SER A 507 12.07 23.84 8.69
C SER A 507 12.02 24.69 7.42
N MET A 508 11.76 25.99 7.57
CA MET A 508 11.69 26.88 6.41
C MET A 508 12.99 26.95 5.62
N LEU A 509 14.11 26.67 6.27
CA LEU A 509 15.42 26.73 5.61
C LEU A 509 15.58 25.70 4.49
N TYR A 510 14.83 24.60 4.54
CA TYR A 510 14.93 23.58 3.50
C TYR A 510 13.55 23.08 3.04
N ALA A 511 12.52 23.86 3.33
CA ALA A 511 11.15 23.50 2.98
C ALA A 511 10.93 23.34 1.48
N PHE A 512 11.87 23.82 0.68
CA PHE A 512 11.72 23.77 -0.76
C PHE A 512 12.74 22.88 -1.44
N SER A 513 13.49 22.12 -0.64
CA SER A 513 14.50 21.23 -1.18
C SER A 513 13.85 19.95 -1.72
N GLU A 514 12.56 19.81 -1.47
CA GLU A 514 11.79 18.65 -1.93
C GLU A 514 10.31 19.00 -1.98
N ASN A 515 9.51 18.12 -2.60
CA ASN A 515 8.07 18.29 -2.65
C ASN A 515 7.61 17.59 -1.36
N TYR A 516 7.25 18.38 -0.36
CA TYR A 516 6.85 17.79 0.92
C TYR A 516 5.37 17.68 1.27
N VAL A 517 5.12 16.71 2.15
CA VAL A 517 3.82 16.48 2.74
C VAL A 517 4.17 16.68 4.23
N LEU A 518 3.47 17.59 4.92
CA LEU A 518 3.74 17.80 6.36
C LEU A 518 2.90 16.75 7.06
N PRO A 519 3.54 15.80 7.76
CA PRO A 519 2.70 14.80 8.42
C PRO A 519 2.62 14.71 9.95
N LEU A 520 1.43 14.34 10.42
CA LEU A 520 1.17 14.12 11.84
C LEU A 520 0.40 12.80 11.74
N SER A 521 1.13 11.72 11.50
CA SER A 521 0.58 10.40 11.29
C SER A 521 0.31 9.56 12.51
N HIS A 522 -0.12 8.31 12.25
CA HIS A 522 -0.42 7.35 13.29
C HIS A 522 0.80 7.01 14.16
N ASP A 523 1.99 7.02 13.57
CA ASP A 523 3.20 6.69 14.32
C ASP A 523 3.54 7.67 15.43
N GLU A 524 3.00 8.89 15.35
CA GLU A 524 3.29 9.87 16.37
C GLU A 524 2.28 9.86 17.52
N VAL A 525 1.23 9.05 17.42
CA VAL A 525 0.22 9.01 18.47
C VAL A 525 0.01 7.61 19.04
N VAL A 526 1.12 6.88 19.19
CA VAL A 526 1.10 5.54 19.75
C VAL A 526 2.37 5.32 20.56
N HIS A 527 2.43 4.22 21.29
CA HIS A 527 3.62 3.85 22.05
C HIS A 527 4.20 4.88 23.02
N GLY A 528 3.36 5.45 23.87
CA GLY A 528 3.84 6.42 24.84
C GLY A 528 4.17 7.82 24.35
N LYS A 529 4.02 8.08 23.06
CA LYS A 529 4.31 9.43 22.56
C LYS A 529 3.16 10.37 22.89
N GLY A 530 2.02 9.80 23.25
CA GLY A 530 0.86 10.62 23.54
C GLY A 530 0.25 11.13 22.24
N THR A 531 -0.95 11.67 22.34
CA THR A 531 -1.65 12.22 21.17
C THR A 531 -1.23 13.68 20.98
N LEU A 532 -1.78 14.35 19.98
CA LEU A 532 -1.44 15.77 19.77
C LEU A 532 -2.03 16.55 20.96
N TRP A 533 -3.20 16.13 21.41
CA TRP A 533 -3.87 16.76 22.55
C TRP A 533 -3.02 16.56 23.81
N GLY A 534 -2.56 15.33 24.03
CA GLY A 534 -1.76 15.04 25.20
C GLY A 534 -0.48 15.86 25.28
N ARG A 535 0.09 16.19 24.12
CA ARG A 535 1.33 16.96 24.08
C ARG A 535 1.11 18.43 24.43
N MET A 536 -0.09 18.94 24.21
CA MET A 536 -0.38 20.34 24.50
C MET A 536 -0.33 20.71 25.99
N PRO A 537 0.31 21.84 26.31
CA PRO A 537 0.39 22.26 27.72
C PRO A 537 -0.85 23.05 28.17
N GLY A 538 -1.06 23.13 29.48
CA GLY A 538 -2.19 23.88 30.01
C GLY A 538 -3.43 23.07 30.38
N ASN A 539 -4.50 23.77 30.76
CA ASN A 539 -5.73 23.09 31.11
C ASN A 539 -6.47 22.69 29.82
N ASN A 540 -7.64 22.07 29.94
CA ASN A 540 -8.38 21.63 28.77
C ASN A 540 -8.62 22.72 27.74
N HIS A 541 -8.92 23.92 28.21
CA HIS A 541 -9.18 25.03 27.31
C HIS A 541 -7.94 25.45 26.53
N VAL A 542 -6.80 25.45 27.20
CA VAL A 542 -5.54 25.83 26.57
C VAL A 542 -4.98 24.72 25.67
N LYS A 543 -5.21 23.47 26.04
CA LYS A 543 -4.75 22.35 25.23
C LYS A 543 -5.47 22.44 23.90
N ALA A 544 -6.78 22.67 23.98
CA ALA A 544 -7.65 22.76 22.82
C ALA A 544 -7.22 23.90 21.91
N ALA A 545 -6.93 25.05 22.51
CA ALA A 545 -6.52 26.21 21.75
C ALA A 545 -5.19 25.92 21.07
N GLY A 546 -4.29 25.27 21.80
CA GLY A 546 -2.99 24.92 21.23
C GLY A 546 -3.13 23.97 20.06
N LEU A 547 -4.02 22.99 20.18
CA LEU A 547 -4.20 22.04 19.10
C LEU A 547 -4.78 22.72 17.86
N ARG A 548 -5.75 23.61 18.05
CA ARG A 548 -6.33 24.31 16.90
C ARG A 548 -5.24 25.16 16.22
N SER A 549 -4.31 25.69 17.02
CA SER A 549 -3.22 26.51 16.50
C SER A 549 -2.27 25.66 15.66
N LEU A 550 -1.92 24.49 16.19
CA LEU A 550 -1.02 23.56 15.53
C LEU A 550 -1.55 23.19 14.16
N LEU A 551 -2.82 22.78 14.12
CA LEU A 551 -3.42 22.38 12.86
C LEU A 551 -3.44 23.56 11.88
N ALA A 552 -3.81 24.74 12.35
CA ALA A 552 -3.80 25.89 11.46
C ALA A 552 -2.37 26.10 10.93
N TYR A 553 -1.38 25.94 11.81
CA TYR A 553 0.01 26.12 11.42
C TYR A 553 0.45 25.07 10.36
N GLN A 554 0.04 23.83 10.55
CA GLN A 554 0.36 22.76 9.61
C GLN A 554 -0.22 23.09 8.21
N TRP A 555 -1.45 23.57 8.18
CA TRP A 555 -2.12 23.91 6.93
C TRP A 555 -1.50 25.11 6.21
N ALA A 556 -1.11 26.14 6.97
CA ALA A 556 -0.52 27.36 6.38
C ALA A 556 0.92 27.21 5.97
N HIS A 557 1.66 26.35 6.66
CA HIS A 557 3.08 26.11 6.38
C HIS A 557 3.24 25.44 5.01
N PRO A 558 4.23 25.87 4.22
CA PRO A 558 4.45 25.27 2.89
C PRO A 558 4.50 23.74 2.95
N GLY A 559 3.79 23.10 2.01
CA GLY A 559 3.74 21.65 1.95
C GLY A 559 2.31 21.17 2.12
N LYS A 560 2.03 19.95 1.64
CA LYS A 560 0.70 19.36 1.76
C LYS A 560 0.51 18.89 3.20
N GLN A 561 -0.69 18.42 3.55
CA GLN A 561 -0.94 17.96 4.91
C GLN A 561 -1.50 16.55 5.01
N LEU A 562 -1.18 15.91 6.13
CA LEU A 562 -1.67 14.57 6.42
C LEU A 562 -1.96 14.52 7.92
N LEU A 563 -3.19 14.12 8.28
CA LEU A 563 -3.59 14.04 9.68
C LEU A 563 -4.28 12.71 9.96
N PHE A 564 -3.82 12.01 11.00
CA PHE A 564 -4.39 10.70 11.35
C PHE A 564 -5.77 10.74 12.03
N MET A 565 -6.66 9.87 11.58
CA MET A 565 -8.00 9.77 12.14
C MET A 565 -8.01 9.91 13.67
N GLY A 566 -9.06 10.55 14.17
CA GLY A 566 -9.19 10.76 15.60
C GLY A 566 -8.53 12.06 16.03
N GLN A 567 -7.42 12.42 15.40
CA GLN A 567 -6.74 13.66 15.77
C GLN A 567 -7.51 14.89 15.28
N GLU A 568 -8.39 14.73 14.29
CA GLU A 568 -9.15 15.89 13.81
C GLU A 568 -10.18 16.36 14.87
N PHE A 569 -10.48 15.52 15.87
CA PHE A 569 -11.37 15.96 16.94
C PHE A 569 -10.66 15.91 18.29
N GLY A 570 -9.34 15.96 18.25
CA GLY A 570 -8.53 15.95 19.47
C GLY A 570 -8.64 14.73 20.37
N GLN A 571 -8.61 13.53 19.79
CA GLN A 571 -8.69 12.31 20.59
C GLN A 571 -7.59 12.39 21.65
N ARG A 572 -7.96 12.17 22.91
CA ARG A 572 -7.03 12.27 24.02
C ARG A 572 -6.11 11.07 24.23
N ALA A 573 -6.67 9.87 24.22
CA ALA A 573 -5.88 8.65 24.43
C ALA A 573 -5.24 8.15 23.14
N GLU A 574 -4.06 7.57 23.28
CA GLU A 574 -3.35 7.02 22.13
C GLU A 574 -4.22 6.08 21.30
N TRP A 575 -3.99 6.07 19.99
CA TRP A 575 -4.75 5.21 19.11
C TRP A 575 -4.58 3.75 19.47
N SER A 576 -5.69 3.00 19.36
CA SER A 576 -5.71 1.58 19.65
C SER A 576 -6.55 0.91 18.57
N GLU A 577 -5.92 0.14 17.70
CA GLU A 577 -6.66 -0.52 16.64
C GLU A 577 -7.60 -1.58 17.19
N GLN A 578 -7.37 -2.00 18.43
CA GLN A 578 -8.23 -3.03 19.02
C GLN A 578 -9.53 -2.49 19.62
N ARG A 579 -9.51 -1.23 20.06
CA ARG A 579 -10.69 -0.60 20.66
C ARG A 579 -11.46 0.31 19.68
N GLY A 580 -10.76 0.84 18.68
CA GLY A 580 -11.42 1.72 17.73
C GLY A 580 -11.21 3.16 18.16
N LEU A 581 -11.66 4.12 17.36
CA LEU A 581 -11.48 5.54 17.70
C LEU A 581 -12.44 6.00 18.79
N ASP A 582 -12.01 6.98 19.57
CA ASP A 582 -12.83 7.51 20.65
C ASP A 582 -13.86 8.54 20.18
N TRP A 583 -14.84 8.08 19.43
CA TRP A 583 -15.91 8.94 18.91
C TRP A 583 -16.78 9.58 20.00
N PHE A 584 -16.88 8.93 21.15
CA PHE A 584 -17.71 9.45 22.24
C PHE A 584 -17.31 10.87 22.60
N GLN A 585 -16.06 11.25 22.29
CA GLN A 585 -15.59 12.59 22.60
C GLN A 585 -16.44 13.66 21.93
N LEU A 586 -17.04 13.31 20.79
CA LEU A 586 -17.90 14.23 20.07
C LEU A 586 -19.27 14.37 20.75
N ASP A 587 -19.48 13.60 21.81
CA ASP A 587 -20.75 13.65 22.53
C ASP A 587 -20.58 14.36 23.87
N GLU A 588 -19.33 14.63 24.24
CA GLU A 588 -19.04 15.30 25.50
C GLU A 588 -19.34 16.79 25.41
N ASN A 589 -19.26 17.46 26.55
CA ASN A 589 -19.48 18.89 26.61
C ASN A 589 -18.08 19.50 26.61
N GLY A 590 -17.20 18.92 25.78
CA GLY A 590 -15.83 19.39 25.70
C GLY A 590 -15.44 20.24 24.52
N PHE A 591 -14.16 20.15 24.16
CA PHE A 591 -13.58 20.93 23.07
C PHE A 591 -13.42 20.16 21.75
N SER A 592 -13.72 18.87 21.78
CA SER A 592 -13.59 18.01 20.60
C SER A 592 -14.43 18.45 19.41
N ASN A 593 -15.67 18.83 19.65
CA ASN A 593 -16.53 19.29 18.57
C ASN A 593 -15.92 20.57 17.98
N GLY A 594 -15.31 21.37 18.84
CA GLY A 594 -14.70 22.62 18.40
C GLY A 594 -13.46 22.41 17.55
N ILE A 595 -12.69 21.36 17.83
CA ILE A 595 -11.49 21.11 17.06
C ILE A 595 -11.89 20.57 15.68
N GLN A 596 -12.88 19.69 15.67
CA GLN A 596 -13.36 19.10 14.42
C GLN A 596 -13.95 20.21 13.54
N ARG A 597 -14.60 21.18 14.17
CA ARG A 597 -15.18 22.29 13.43
C ARG A 597 -14.05 23.13 12.83
N LEU A 598 -12.97 23.33 13.57
CA LEU A 598 -11.87 24.12 13.03
C LEU A 598 -11.24 23.44 11.80
N VAL A 599 -11.08 22.13 11.85
CA VAL A 599 -10.52 21.38 10.74
C VAL A 599 -11.38 21.56 9.49
N ARG A 600 -12.70 21.52 9.67
CA ARG A 600 -13.62 21.72 8.55
C ARG A 600 -13.37 23.09 7.96
N ASP A 601 -13.27 24.10 8.83
CA ASP A 601 -13.03 25.45 8.35
C ASP A 601 -11.69 25.64 7.67
N ILE A 602 -10.60 25.10 8.22
CA ILE A 602 -9.34 25.32 7.53
C ILE A 602 -9.30 24.54 6.22
N ASN A 603 -9.99 23.40 6.18
CA ASN A 603 -10.03 22.62 4.94
C ASN A 603 -10.82 23.40 3.88
N ASP A 604 -11.90 24.05 4.31
CA ASP A 604 -12.75 24.83 3.40
C ASP A 604 -12.03 26.04 2.83
N ILE A 605 -11.29 26.75 3.67
CA ILE A 605 -10.53 27.92 3.25
C ILE A 605 -9.42 27.40 2.34
N TYR A 606 -8.79 26.32 2.78
CA TYR A 606 -7.70 25.68 2.04
C TYR A 606 -8.08 25.36 0.60
N ARG A 607 -9.12 24.56 0.40
CA ARG A 607 -9.55 24.16 -0.94
C ARG A 607 -9.85 25.30 -1.89
N CYS A 608 -10.38 26.40 -1.35
CA CYS A 608 -10.76 27.54 -2.15
C CYS A 608 -9.72 28.66 -2.28
N HIS A 609 -8.60 28.54 -1.56
CA HIS A 609 -7.56 29.57 -1.63
C HIS A 609 -6.26 29.03 -2.20
N PRO A 610 -6.03 29.24 -3.51
CA PRO A 610 -4.81 28.74 -4.16
C PRO A 610 -3.51 29.22 -3.52
N ALA A 611 -3.57 30.25 -2.70
CA ALA A 611 -2.37 30.73 -2.05
C ALA A 611 -1.81 29.69 -1.08
N LEU A 612 -2.66 28.75 -0.66
CA LEU A 612 -2.21 27.73 0.28
C LEU A 612 -1.73 26.42 -0.33
N TRP A 613 -1.80 26.27 -1.65
CA TRP A 613 -1.35 25.04 -2.25
C TRP A 613 -0.81 25.09 -3.67
N SER A 614 -0.94 26.22 -4.35
CA SER A 614 -0.46 26.32 -5.73
C SER A 614 1.07 26.55 -5.86
N LEU A 615 1.68 27.08 -4.82
CA LEU A 615 3.12 27.33 -4.83
C LEU A 615 3.81 26.77 -3.58
N ASP A 616 3.48 25.52 -3.22
CA ASP A 616 4.07 24.86 -2.05
C ASP A 616 5.55 24.51 -2.23
N THR A 617 5.94 24.24 -3.47
CA THR A 617 7.31 23.81 -3.74
C THR A 617 8.35 24.87 -4.09
N THR A 618 7.99 26.14 -3.98
CA THR A 618 8.93 27.21 -4.30
C THR A 618 8.87 28.32 -3.26
N PRO A 619 9.99 29.04 -3.07
CA PRO A 619 10.08 30.16 -2.11
C PRO A 619 9.13 31.28 -2.53
N GLU A 620 8.79 31.31 -3.81
CA GLU A 620 7.88 32.33 -4.33
C GLU A 620 6.49 32.25 -3.71
N GLY A 621 6.15 31.11 -3.14
CA GLY A 621 4.83 30.97 -2.53
C GLY A 621 4.84 31.28 -1.05
N TYR A 622 5.96 31.83 -0.58
CA TYR A 622 6.10 32.13 0.84
C TYR A 622 6.88 33.43 1.08
N SER A 623 6.64 34.06 2.21
CA SER A 623 7.34 35.28 2.54
C SER A 623 7.19 35.57 4.02
N TRP A 624 8.32 35.68 4.70
CA TRP A 624 8.29 35.96 6.13
C TRP A 624 7.83 37.40 6.35
N ILE A 625 6.99 37.60 7.35
CA ILE A 625 6.60 38.96 7.69
C ILE A 625 7.58 39.24 8.83
N ASP A 626 7.59 38.36 9.82
CA ASP A 626 8.53 38.49 10.93
C ASP A 626 8.90 37.13 11.50
N ALA A 627 10.09 36.66 11.13
CA ALA A 627 10.59 35.36 11.58
C ALA A 627 11.38 35.49 12.86
N ASN A 628 11.52 36.72 13.35
CA ASN A 628 12.31 36.95 14.56
C ASN A 628 11.59 37.64 15.72
N ASP A 629 10.43 37.12 16.11
CA ASP A 629 9.73 37.71 17.25
C ASP A 629 9.65 36.66 18.35
N SER A 630 10.82 36.16 18.74
CA SER A 630 10.90 35.15 19.78
C SER A 630 10.51 35.74 21.11
N ALA A 631 10.67 37.06 21.24
CA ALA A 631 10.31 37.75 22.48
C ALA A 631 8.82 37.60 22.80
N ASN A 632 7.98 37.61 21.76
CA ASN A 632 6.53 37.46 21.95
C ASN A 632 6.03 36.08 21.51
N ASN A 633 6.93 35.27 20.98
CA ASN A 633 6.55 33.93 20.51
C ASN A 633 5.50 34.03 19.39
N VAL A 634 5.72 34.95 18.46
CA VAL A 634 4.82 35.15 17.33
C VAL A 634 5.54 34.85 16.01
N LEU A 635 4.86 34.15 15.11
CA LEU A 635 5.41 33.81 13.80
C LEU A 635 4.41 34.30 12.76
N SER A 636 4.88 35.09 11.81
CA SER A 636 4.00 35.60 10.79
C SER A 636 4.65 35.50 9.42
N PHE A 637 3.84 35.17 8.43
CA PHE A 637 4.34 35.04 7.07
C PHE A 637 3.18 35.10 6.07
N MET A 638 3.53 35.28 4.80
CA MET A 638 2.56 35.36 3.72
C MET A 638 2.66 34.08 2.89
N ARG A 639 1.55 33.70 2.27
CA ARG A 639 1.52 32.56 1.37
C ARG A 639 0.99 33.20 0.08
N TYR A 640 1.59 32.83 -1.05
CA TYR A 640 1.20 33.39 -2.35
C TYR A 640 0.82 32.30 -3.36
N GLY A 641 -0.26 32.54 -4.11
CA GLY A 641 -0.68 31.59 -5.12
C GLY A 641 -0.21 31.98 -6.51
N SER A 642 -0.24 31.03 -7.43
CA SER A 642 0.19 31.24 -8.81
C SER A 642 -0.84 32.06 -9.58
N ASP A 643 -1.94 32.43 -8.93
CA ASP A 643 -2.99 33.24 -9.53
C ASP A 643 -2.92 34.65 -8.95
N GLY A 644 -1.78 35.00 -8.33
CA GLY A 644 -1.64 36.33 -7.76
C GLY A 644 -2.31 36.57 -6.41
N SER A 645 -3.05 35.59 -5.88
CA SER A 645 -3.74 35.74 -4.59
C SER A 645 -2.76 35.71 -3.41
N VAL A 646 -3.23 36.15 -2.24
CA VAL A 646 -2.37 36.19 -1.06
C VAL A 646 -3.11 35.93 0.25
N LEU A 647 -2.35 35.51 1.27
CA LEU A 647 -2.91 35.22 2.59
C LEU A 647 -1.85 35.49 3.64
N ALA A 648 -2.23 36.24 4.68
CA ALA A 648 -1.30 36.56 5.76
C ALA A 648 -1.65 35.70 6.96
N CYS A 649 -0.65 35.01 7.50
CA CYS A 649 -0.83 34.12 8.64
C CYS A 649 -0.01 34.59 9.83
N VAL A 650 -0.66 34.72 10.97
CA VAL A 650 0.01 35.18 12.18
C VAL A 650 -0.29 34.20 13.32
N PHE A 651 0.76 33.62 13.88
CA PHE A 651 0.60 32.66 14.97
C PHE A 651 1.11 33.23 16.29
N ASN A 652 0.28 33.18 17.33
CA ASN A 652 0.66 33.65 18.65
C ASN A 652 0.79 32.43 19.56
N PHE A 653 2.02 32.00 19.80
CA PHE A 653 2.28 30.81 20.63
C PHE A 653 2.47 31.09 22.11
N ALA A 654 2.26 32.34 22.50
CA ALA A 654 2.36 32.74 23.91
C ALA A 654 1.00 32.42 24.54
N GLY A 655 0.98 32.26 25.85
CA GLY A 655 -0.26 31.95 26.54
C GLY A 655 -1.11 33.17 26.85
N ALA A 656 -0.65 34.34 26.43
CA ALA A 656 -1.38 35.58 26.67
C ALA A 656 -1.63 36.34 25.37
N GLU A 657 -2.68 37.15 25.35
CA GLU A 657 -2.99 37.92 24.16
C GLU A 657 -2.02 39.08 24.01
N HIS A 658 -1.81 39.52 22.78
CA HIS A 658 -0.94 40.65 22.49
C HIS A 658 -1.80 41.73 21.86
N ARG A 659 -2.11 42.77 22.64
CA ARG A 659 -2.91 43.89 22.14
C ARG A 659 -2.02 44.90 21.44
N ASP A 660 -2.61 45.67 20.54
CA ASP A 660 -1.87 46.69 19.79
C ASP A 660 -0.62 46.15 19.13
N TYR A 661 -0.72 44.96 18.54
CA TYR A 661 0.40 44.34 17.84
C TYR A 661 0.38 44.88 16.40
N ARG A 662 1.48 45.49 15.97
CA ARG A 662 1.57 46.02 14.62
C ARG A 662 2.15 44.96 13.70
N LEU A 663 1.41 44.65 12.65
CA LEU A 663 1.82 43.64 11.69
C LEU A 663 2.07 44.24 10.31
N GLY A 664 3.28 44.08 9.80
CA GLY A 664 3.60 44.61 8.48
C GLY A 664 2.90 43.81 7.39
N LEU A 665 2.37 44.50 6.38
CA LEU A 665 1.67 43.84 5.29
C LEU A 665 2.09 44.36 3.91
N PRO A 666 1.84 43.58 2.86
CA PRO A 666 2.17 43.94 1.48
C PRO A 666 1.31 45.07 0.92
N ARG A 667 0.04 45.08 1.31
CA ARG A 667 -0.89 46.10 0.84
C ARG A 667 -1.56 46.85 1.98
N ALA A 668 -2.15 47.99 1.65
CA ALA A 668 -2.86 48.80 2.63
C ALA A 668 -4.34 48.48 2.47
N GLY A 669 -5.18 49.19 3.21
CA GLY A 669 -6.61 48.93 3.09
C GLY A 669 -7.15 47.91 4.08
N ARG A 670 -8.30 47.34 3.73
CA ARG A 670 -9.00 46.37 4.57
C ARG A 670 -8.56 44.92 4.35
N TRP A 671 -8.21 44.26 5.45
CA TRP A 671 -7.83 42.85 5.39
C TRP A 671 -8.89 42.10 6.15
N ARG A 672 -9.51 41.14 5.49
CA ARG A 672 -10.55 40.32 6.09
C ARG A 672 -9.95 39.22 6.95
N GLU A 673 -10.52 39.03 8.13
CA GLU A 673 -10.07 38.01 9.06
C GLU A 673 -10.82 36.71 8.69
N VAL A 674 -10.21 35.87 7.86
CA VAL A 674 -10.86 34.63 7.43
C VAL A 674 -10.77 33.48 8.43
N LEU A 675 -9.80 33.56 9.33
CA LEU A 675 -9.64 32.54 10.36
C LEU A 675 -9.14 33.17 11.65
N ASN A 676 -9.73 32.74 12.76
CA ASN A 676 -9.36 33.17 14.10
C ASN A 676 -9.66 31.95 14.98
N THR A 677 -8.62 31.19 15.33
CA THR A 677 -8.81 29.97 16.13
C THR A 677 -9.32 30.21 17.54
N ASP A 678 -9.44 31.47 17.94
CA ASP A 678 -9.95 31.77 19.27
C ASP A 678 -11.43 32.06 19.24
N ALA A 679 -12.03 31.99 18.05
CA ALA A 679 -13.45 32.26 17.91
C ALA A 679 -14.26 31.37 18.84
N THR A 680 -15.33 31.92 19.41
CA THR A 680 -16.18 31.18 20.32
C THR A 680 -16.82 29.94 19.70
N ILE A 681 -17.02 29.96 18.38
CA ILE A 681 -17.61 28.77 17.74
C ILE A 681 -16.69 27.56 17.85
N TYR A 682 -15.40 27.78 18.06
CA TYR A 682 -14.47 26.66 18.23
C TYR A 682 -14.27 26.46 19.72
N HIS A 683 -14.91 27.31 20.51
CA HIS A 683 -14.81 27.29 21.95
C HIS A 683 -13.53 27.92 22.48
N GLY A 684 -13.06 28.91 21.74
CA GLY A 684 -11.92 29.70 22.16
C GLY A 684 -12.55 30.76 23.06
N SER A 685 -11.79 31.75 23.52
CA SER A 685 -12.37 32.75 24.40
C SER A 685 -13.03 33.93 23.67
N GLY A 686 -12.98 33.93 22.34
CA GLY A 686 -13.64 34.99 21.58
C GLY A 686 -12.88 36.28 21.37
N ILE A 687 -11.58 36.29 21.67
CA ILE A 687 -10.76 37.47 21.47
C ILE A 687 -10.49 37.55 19.96
N GLY A 688 -10.70 38.72 19.37
CA GLY A 688 -10.49 38.88 17.95
C GLY A 688 -10.49 40.32 17.49
N ASN A 689 -10.60 40.51 16.17
CA ASN A 689 -10.58 41.84 15.58
C ASN A 689 -11.87 42.27 14.92
N LEU A 690 -12.94 41.57 15.24
CA LEU A 690 -14.26 41.89 14.70
C LEU A 690 -14.37 41.73 13.20
N GLY A 691 -13.77 40.67 12.67
CA GLY A 691 -13.86 40.41 11.25
C GLY A 691 -12.79 40.95 10.34
N GLY A 692 -12.03 41.94 10.79
CA GLY A 692 -11.00 42.50 9.93
C GLY A 692 -10.27 43.70 10.49
N VAL A 693 -9.24 44.13 9.78
CA VAL A 693 -8.44 45.26 10.21
C VAL A 693 -8.10 46.18 9.05
N ASP A 694 -7.77 47.43 9.36
CA ASP A 694 -7.42 48.39 8.33
C ASP A 694 -5.91 48.62 8.34
N ALA A 695 -5.27 48.31 7.22
CA ALA A 695 -3.83 48.50 7.10
C ALA A 695 -3.58 49.91 6.57
N THR A 696 -2.82 50.70 7.32
CA THR A 696 -2.52 52.06 6.91
C THR A 696 -1.15 52.12 6.24
N ASP A 697 -0.75 53.32 5.83
CA ASP A 697 0.53 53.51 5.16
C ASP A 697 1.66 53.83 6.14
N ASP A 698 1.75 53.03 7.19
CA ASP A 698 2.80 53.17 8.17
C ASP A 698 3.71 51.97 7.98
N PRO A 699 4.85 52.14 7.30
CA PRO A 699 5.77 51.03 7.06
C PRO A 699 6.18 50.34 8.36
N TRP A 700 6.42 49.03 8.27
CA TRP A 700 6.80 48.27 9.45
C TRP A 700 7.33 46.90 9.01
N HIS A 701 8.28 46.36 9.78
CA HIS A 701 8.88 45.07 9.47
C HIS A 701 9.39 45.05 8.03
N GLY A 702 9.83 46.21 7.56
CA GLY A 702 10.32 46.30 6.20
C GLY A 702 9.21 46.19 5.16
N ARG A 703 7.98 46.47 5.59
CA ARG A 703 6.82 46.39 4.70
C ARG A 703 6.25 47.78 4.46
N PRO A 704 5.69 48.02 3.26
CA PRO A 704 5.11 49.32 2.90
C PRO A 704 3.90 49.74 3.75
N ALA A 705 3.13 48.76 4.21
CA ALA A 705 1.96 49.05 5.03
C ALA A 705 1.93 48.18 6.28
N SER A 706 1.04 48.52 7.21
CA SER A 706 0.91 47.78 8.44
C SER A 706 -0.48 47.98 9.03
N ALA A 707 -0.85 47.10 9.95
CA ALA A 707 -2.15 47.18 10.61
C ALA A 707 -1.97 46.86 12.08
N VAL A 708 -2.81 47.45 12.91
CA VAL A 708 -2.77 47.20 14.34
C VAL A 708 -3.90 46.24 14.70
N LEU A 709 -3.57 45.18 15.42
CA LEU A 709 -4.60 44.23 15.81
C LEU A 709 -4.26 43.51 17.10
N VAL A 710 -5.24 42.76 17.59
CA VAL A 710 -5.04 41.98 18.80
C VAL A 710 -4.84 40.54 18.39
N LEU A 711 -3.84 39.88 19.00
CA LEU A 711 -3.58 38.49 18.71
C LEU A 711 -4.08 37.68 19.90
N PRO A 712 -5.08 36.82 19.69
CA PRO A 712 -5.60 36.01 20.80
C PRO A 712 -4.48 35.13 21.35
N PRO A 713 -4.55 34.76 22.63
CA PRO A 713 -3.51 33.91 23.20
C PRO A 713 -3.58 32.50 22.58
N THR A 714 -2.43 31.86 22.42
CA THR A 714 -2.37 30.52 21.87
C THR A 714 -3.32 30.39 20.68
N SER A 715 -3.08 31.17 19.63
CA SER A 715 -3.98 31.14 18.48
C SER A 715 -3.33 31.43 17.13
N ALA A 716 -4.16 31.32 16.09
CA ALA A 716 -3.73 31.58 14.72
C ALA A 716 -4.73 32.47 13.99
N LEU A 717 -4.22 33.49 13.30
CA LEU A 717 -5.06 34.38 12.52
C LEU A 717 -4.62 34.31 11.05
N TRP A 718 -5.60 34.26 10.14
CA TRP A 718 -5.30 34.28 8.71
C TRP A 718 -6.09 35.46 8.16
N LEU A 719 -5.49 36.21 7.26
CA LEU A 719 -6.14 37.39 6.69
C LEU A 719 -5.92 37.46 5.18
N THR A 720 -6.92 38.00 4.46
CA THR A 720 -6.84 38.17 3.01
C THR A 720 -7.40 39.55 2.70
N PRO A 721 -6.84 40.23 1.68
CA PRO A 721 -7.33 41.56 1.32
C PRO A 721 -8.82 41.47 1.04
N ALA A 722 -9.57 42.50 1.42
CA ALA A 722 -11.01 42.49 1.21
C ALA A 722 -11.33 42.52 -0.29
#